data_6IVS
#
_entry.id   6IVS
#
_entity_poly.entity_id   1
_entity_poly.type   'polypeptide(L)'
_entity_poly.pdbx_seq_one_letter_code
;SMNRLGIIYEIQGMKAVVLTSEGEFLIIRRRKDMKVGQQVSFENEDIYNVRGK
;
_entity_poly.pdbx_strand_id   A
#
# COMPACT_ATOMS: atom_id res chain seq x y z
N SER A 1 0.43 -12.50 7.24
CA SER A 1 0.56 -11.07 7.39
C SER A 1 1.97 -10.61 7.17
N MET A 2 2.40 -10.56 5.92
CA MET A 2 3.71 -10.05 5.63
C MET A 2 3.61 -8.54 5.61
N ASN A 3 3.93 -7.95 6.72
CA ASN A 3 3.75 -6.54 6.88
C ASN A 3 4.80 -5.72 6.20
N ARG A 4 4.33 -4.76 5.46
CA ARG A 4 5.15 -3.80 4.77
C ARG A 4 4.66 -2.44 5.20
N LEU A 5 5.53 -1.46 5.18
CA LEU A 5 5.18 -0.12 5.62
C LEU A 5 5.27 0.82 4.46
N GLY A 6 4.25 1.59 4.26
CA GLY A 6 4.29 2.55 3.21
C GLY A 6 3.40 3.70 3.47
N ILE A 7 3.71 4.78 2.86
CA ILE A 7 2.99 6.00 3.00
C ILE A 7 1.98 6.10 1.89
N ILE A 8 0.74 6.35 2.23
CA ILE A 8 -0.30 6.52 1.24
C ILE A 8 -0.03 7.76 0.45
N TYR A 9 0.48 7.55 -0.71
CA TYR A 9 0.90 8.60 -1.59
C TYR A 9 -0.27 9.07 -2.43
N GLU A 10 -1.15 8.16 -2.79
CA GLU A 10 -2.27 8.46 -3.63
C GLU A 10 -3.32 7.34 -3.50
N ILE A 11 -4.52 7.62 -3.93
CA ILE A 11 -5.62 6.66 -3.88
C ILE A 11 -6.22 6.51 -5.27
N GLN A 12 -6.50 5.30 -5.66
CA GLN A 12 -7.17 5.01 -6.91
C GLN A 12 -8.39 4.20 -6.59
N GLY A 13 -9.39 4.87 -6.05
CA GLY A 13 -10.62 4.21 -5.63
C GLY A 13 -10.37 3.18 -4.54
N MET A 14 -10.37 1.93 -4.93
CA MET A 14 -10.17 0.82 -4.01
C MET A 14 -8.72 0.38 -4.02
N LYS A 15 -7.88 1.15 -4.69
CA LYS A 15 -6.46 0.91 -4.69
C LYS A 15 -5.77 2.06 -4.00
N ALA A 16 -4.63 1.82 -3.49
CA ALA A 16 -3.84 2.83 -2.86
C ALA A 16 -2.40 2.71 -3.31
N VAL A 17 -1.77 3.82 -3.51
CA VAL A 17 -0.37 3.87 -3.87
C VAL A 17 0.41 4.09 -2.61
N VAL A 18 1.24 3.15 -2.29
CA VAL A 18 2.06 3.28 -1.12
C VAL A 18 3.49 3.48 -1.49
N LEU A 19 4.06 4.49 -0.93
CA LEU A 19 5.45 4.75 -1.03
C LEU A 19 6.07 4.14 0.20
N THR A 20 6.67 3.00 0.03
CA THR A 20 7.16 2.21 1.12
C THR A 20 8.38 2.82 1.80
N SER A 21 8.80 2.18 2.88
CA SER A 21 10.00 2.55 3.62
C SER A 21 11.25 2.29 2.77
N GLU A 22 11.07 1.51 1.73
CA GLU A 22 12.08 1.17 0.78
C GLU A 22 12.13 2.22 -0.32
N GLY A 23 11.12 3.07 -0.37
CA GLY A 23 11.06 4.10 -1.39
C GLY A 23 10.52 3.58 -2.68
N GLU A 24 9.68 2.57 -2.59
CA GLU A 24 9.09 1.97 -3.75
C GLU A 24 7.63 2.33 -3.78
N PHE A 25 7.06 2.48 -4.96
CA PHE A 25 5.63 2.74 -5.06
C PHE A 25 4.92 1.45 -5.43
N LEU A 26 4.13 0.98 -4.52
CA LEU A 26 3.38 -0.24 -4.75
C LEU A 26 1.91 0.07 -4.76
N ILE A 27 1.16 -0.71 -5.50
CA ILE A 27 -0.26 -0.56 -5.56
C ILE A 27 -0.88 -1.62 -4.67
N ILE A 28 -1.60 -1.19 -3.68
CA ILE A 28 -2.21 -2.10 -2.75
C ILE A 28 -3.70 -1.88 -2.71
N ARG A 29 -4.38 -2.83 -2.13
CA ARG A 29 -5.80 -2.72 -1.85
C ARG A 29 -5.99 -1.59 -0.85
N ARG A 30 -6.94 -0.76 -1.09
CA ARG A 30 -7.23 0.28 -0.17
C ARG A 30 -8.23 -0.20 0.86
N ARG A 31 -7.86 -0.13 2.10
CA ARG A 31 -8.75 -0.44 3.18
C ARG A 31 -9.29 0.88 3.69
N LYS A 32 -10.20 0.83 4.63
CA LYS A 32 -10.77 2.07 5.19
C LYS A 32 -9.75 2.80 6.05
N ASP A 33 -8.68 2.11 6.38
CA ASP A 33 -7.57 2.64 7.19
C ASP A 33 -6.69 3.57 6.37
N MET A 34 -6.81 3.48 5.07
CA MET A 34 -5.93 4.21 4.19
C MET A 34 -6.34 5.67 4.04
N LYS A 35 -5.57 6.52 4.66
CA LYS A 35 -5.71 7.94 4.57
C LYS A 35 -4.47 8.47 3.87
N VAL A 36 -4.64 9.38 2.95
CA VAL A 36 -3.53 9.92 2.17
C VAL A 36 -2.60 10.71 3.07
N GLY A 37 -1.33 10.35 3.04
CA GLY A 37 -0.35 11.05 3.82
C GLY A 37 0.25 10.23 4.92
N GLN A 38 -0.48 9.26 5.44
CA GLN A 38 0.04 8.47 6.56
C GLN A 38 0.74 7.19 6.12
N GLN A 39 1.68 6.76 6.94
CA GLN A 39 2.40 5.53 6.74
C GLN A 39 1.61 4.41 7.38
N VAL A 40 1.16 3.49 6.58
CA VAL A 40 0.31 2.43 7.04
C VAL A 40 1.04 1.10 6.99
N SER A 41 0.62 0.20 7.84
CA SER A 41 1.13 -1.12 7.86
C SER A 41 0.15 -2.01 7.11
N PHE A 42 0.58 -2.57 6.02
CA PHE A 42 -0.26 -3.44 5.22
C PHE A 42 0.41 -4.77 5.09
N GLU A 43 -0.24 -5.68 4.44
CA GLU A 43 0.31 -6.99 4.23
C GLU A 43 0.68 -7.12 2.77
N ASN A 44 1.43 -8.16 2.43
CA ASN A 44 1.83 -8.38 1.04
C ASN A 44 0.66 -8.95 0.31
N GLU A 45 -0.19 -9.55 1.09
CA GLU A 45 -1.45 -10.06 0.69
C GLU A 45 -2.38 -8.92 0.18
N ASP A 46 -2.09 -7.68 0.63
CA ASP A 46 -2.86 -6.49 0.19
C ASP A 46 -2.30 -5.94 -1.09
N ILE A 47 -1.14 -6.38 -1.46
CA ILE A 47 -0.47 -5.83 -2.59
C ILE A 47 -1.05 -6.42 -3.88
N TYR A 48 -1.41 -5.53 -4.76
CA TYR A 48 -1.96 -5.89 -6.04
C TYR A 48 -0.83 -6.28 -6.98
N ASN A 49 0.35 -5.74 -6.72
CA ASN A 49 1.56 -6.08 -7.49
C ASN A 49 1.99 -7.49 -7.17
N VAL A 50 2.30 -7.72 -5.93
CA VAL A 50 2.73 -9.02 -5.47
C VAL A 50 1.53 -9.79 -4.95
N ARG A 51 0.74 -10.27 -5.86
CA ARG A 51 -0.42 -11.02 -5.53
C ARG A 51 -0.06 -12.50 -5.40
N GLY A 52 0.70 -12.95 -6.35
CA GLY A 52 1.01 -14.35 -6.46
C GLY A 52 0.48 -14.87 -7.77
N LYS A 53 -0.14 -13.96 -8.51
CA LYS A 53 -0.70 -14.21 -9.80
C LYS A 53 -0.66 -12.90 -10.56
N SER A 1 -0.50 -11.11 7.49
CA SER A 1 0.58 -11.64 8.30
C SER A 1 1.90 -10.90 8.04
N MET A 2 2.33 -10.84 6.78
CA MET A 2 3.60 -10.20 6.47
C MET A 2 3.40 -8.73 6.14
N ASN A 3 3.78 -7.90 7.07
CA ASN A 3 3.55 -6.47 7.03
C ASN A 3 4.66 -5.69 6.37
N ARG A 4 4.27 -4.85 5.47
CA ARG A 4 5.11 -3.93 4.76
C ARG A 4 4.68 -2.54 5.23
N LEU A 5 5.59 -1.59 5.20
CA LEU A 5 5.28 -0.24 5.63
C LEU A 5 5.37 0.72 4.47
N GLY A 6 4.32 1.46 4.24
CA GLY A 6 4.32 2.41 3.16
C GLY A 6 3.46 3.56 3.46
N ILE A 7 3.74 4.65 2.83
CA ILE A 7 3.01 5.87 3.02
C ILE A 7 2.03 6.02 1.90
N ILE A 8 0.77 6.29 2.25
CA ILE A 8 -0.25 6.51 1.25
C ILE A 8 0.09 7.76 0.48
N TYR A 9 0.59 7.54 -0.69
CA TYR A 9 1.03 8.59 -1.54
C TYR A 9 -0.14 9.10 -2.34
N GLU A 10 -1.01 8.20 -2.74
CA GLU A 10 -2.12 8.54 -3.58
C GLU A 10 -3.17 7.44 -3.46
N ILE A 11 -4.37 7.74 -3.89
CA ILE A 11 -5.46 6.80 -3.86
C ILE A 11 -5.92 6.59 -5.28
N GLN A 12 -6.24 5.38 -5.60
CA GLN A 12 -6.70 5.05 -6.91
C GLN A 12 -7.99 4.27 -6.77
N GLY A 13 -9.06 5.00 -6.45
CA GLY A 13 -10.35 4.39 -6.24
C GLY A 13 -10.35 3.46 -5.05
N MET A 14 -10.32 2.17 -5.33
CA MET A 14 -10.30 1.17 -4.28
C MET A 14 -8.91 0.61 -4.10
N LYS A 15 -7.95 1.27 -4.70
CA LYS A 15 -6.57 0.91 -4.55
C LYS A 15 -5.84 2.07 -3.92
N ALA A 16 -4.71 1.82 -3.36
CA ALA A 16 -3.92 2.84 -2.77
C ALA A 16 -2.50 2.72 -3.24
N VAL A 17 -1.87 3.83 -3.47
CA VAL A 17 -0.48 3.88 -3.88
C VAL A 17 0.33 4.13 -2.64
N VAL A 18 1.11 3.17 -2.27
CA VAL A 18 1.93 3.31 -1.11
C VAL A 18 3.37 3.45 -1.50
N LEU A 19 3.98 4.45 -0.97
CA LEU A 19 5.38 4.65 -1.14
C LEU A 19 6.02 3.99 0.05
N THR A 20 6.58 2.83 -0.17
CA THR A 20 7.15 2.04 0.89
C THR A 20 8.35 2.72 1.50
N SER A 21 8.77 2.25 2.67
CA SER A 21 9.95 2.80 3.32
C SER A 21 11.24 2.51 2.53
N GLU A 22 11.09 1.74 1.46
CA GLU A 22 12.16 1.41 0.56
C GLU A 22 12.20 2.43 -0.59
N GLY A 23 11.17 3.26 -0.67
CA GLY A 23 11.11 4.25 -1.71
C GLY A 23 10.48 3.73 -2.98
N GLU A 24 9.62 2.76 -2.86
CA GLU A 24 8.97 2.18 -4.02
C GLU A 24 7.49 2.43 -3.97
N PHE A 25 6.87 2.64 -5.11
CA PHE A 25 5.43 2.86 -5.18
C PHE A 25 4.74 1.55 -5.49
N LEU A 26 4.00 1.07 -4.55
CA LEU A 26 3.28 -0.16 -4.73
C LEU A 26 1.79 0.12 -4.72
N ILE A 27 1.05 -0.73 -5.36
CA ILE A 27 -0.38 -0.59 -5.46
C ILE A 27 -1.00 -1.65 -4.58
N ILE A 28 -1.72 -1.24 -3.59
CA ILE A 28 -2.33 -2.17 -2.66
C ILE A 28 -3.82 -1.96 -2.60
N ARG A 29 -4.50 -2.93 -2.03
CA ARG A 29 -5.92 -2.83 -1.77
C ARG A 29 -6.17 -1.70 -0.78
N ARG A 30 -7.01 -0.77 -1.13
CA ARG A 30 -7.34 0.30 -0.24
C ARG A 30 -8.35 -0.17 0.77
N ARG A 31 -8.06 0.06 2.00
CA ARG A 31 -8.95 -0.26 3.06
C ARG A 31 -9.56 1.03 3.56
N LYS A 32 -10.42 0.95 4.53
CA LYS A 32 -11.20 2.11 4.96
C LYS A 32 -10.41 3.13 5.76
N ASP A 33 -9.29 2.74 6.32
CA ASP A 33 -8.49 3.66 7.13
C ASP A 33 -7.50 4.49 6.28
N MET A 34 -7.36 4.12 5.02
CA MET A 34 -6.36 4.74 4.12
C MET A 34 -6.58 6.24 3.90
N LYS A 35 -5.72 7.03 4.50
CA LYS A 35 -5.71 8.45 4.37
C LYS A 35 -4.41 8.84 3.68
N VAL A 36 -4.48 9.74 2.73
CA VAL A 36 -3.30 10.16 1.99
C VAL A 36 -2.34 10.94 2.90
N GLY A 37 -1.12 10.46 2.99
CA GLY A 37 -0.13 11.11 3.80
C GLY A 37 0.33 10.26 4.97
N GLN A 38 -0.48 9.31 5.38
CA GLN A 38 -0.11 8.49 6.53
C GLN A 38 0.61 7.23 6.11
N GLN A 39 1.46 6.74 6.99
CA GLN A 39 2.16 5.51 6.78
C GLN A 39 1.31 4.42 7.34
N VAL A 40 1.06 3.44 6.54
CA VAL A 40 0.18 2.39 6.90
C VAL A 40 0.92 1.08 6.92
N SER A 41 0.52 0.23 7.81
CA SER A 41 1.02 -1.09 7.84
C SER A 41 0.08 -1.92 6.98
N PHE A 42 0.58 -2.44 5.92
CA PHE A 42 -0.21 -3.24 5.07
C PHE A 42 0.45 -4.55 4.91
N GLU A 43 -0.23 -5.47 4.40
CA GLU A 43 0.36 -6.75 4.21
C GLU A 43 0.73 -6.93 2.77
N ASN A 44 1.65 -7.83 2.52
CA ASN A 44 2.11 -8.11 1.15
C ASN A 44 1.03 -8.86 0.41
N GLU A 45 0.12 -9.36 1.18
CA GLU A 45 -1.03 -10.09 0.74
C GLU A 45 -2.06 -9.11 0.13
N ASP A 46 -1.95 -7.84 0.48
CA ASP A 46 -2.86 -6.82 -0.05
C ASP A 46 -2.28 -6.15 -1.27
N ILE A 47 -1.04 -6.46 -1.57
CA ILE A 47 -0.38 -5.90 -2.73
C ILE A 47 -0.98 -6.44 -4.03
N TYR A 48 -1.46 -5.52 -4.86
CA TYR A 48 -2.09 -5.84 -6.14
C TYR A 48 -1.03 -6.10 -7.21
N ASN A 49 0.19 -5.73 -6.93
CA ASN A 49 1.32 -5.97 -7.83
C ASN A 49 1.72 -7.44 -7.74
N VAL A 50 0.97 -8.30 -8.36
CA VAL A 50 1.26 -9.72 -8.34
C VAL A 50 2.41 -10.03 -9.30
N ARG A 51 3.60 -10.07 -8.77
CA ARG A 51 4.81 -10.34 -9.53
C ARG A 51 5.97 -10.66 -8.58
N GLY A 52 5.89 -10.12 -7.38
CA GLY A 52 6.92 -10.37 -6.40
C GLY A 52 7.87 -9.21 -6.37
N LYS A 53 8.73 -9.17 -7.33
CA LYS A 53 9.67 -8.11 -7.45
C LYS A 53 9.31 -7.34 -8.70
N SER A 1 1.13 -13.16 7.23
CA SER A 1 1.02 -11.72 7.12
C SER A 1 2.41 -11.09 7.03
N MET A 2 2.90 -10.89 5.82
CA MET A 2 4.17 -10.20 5.64
C MET A 2 3.88 -8.72 5.57
N ASN A 3 4.07 -8.04 6.67
CA ASN A 3 3.78 -6.62 6.73
C ASN A 3 4.88 -5.78 6.13
N ARG A 4 4.46 -4.73 5.49
CA ARG A 4 5.31 -3.77 4.85
C ARG A 4 4.82 -2.39 5.30
N LEU A 5 5.68 -1.40 5.25
CA LEU A 5 5.30 -0.06 5.67
C LEU A 5 5.37 0.87 4.49
N GLY A 6 4.33 1.64 4.28
CA GLY A 6 4.34 2.60 3.23
C GLY A 6 3.41 3.71 3.50
N ILE A 7 3.68 4.81 2.89
CA ILE A 7 2.90 6.00 3.04
C ILE A 7 1.91 6.07 1.92
N ILE A 8 0.66 6.33 2.25
CA ILE A 8 -0.36 6.50 1.24
C ILE A 8 -0.04 7.74 0.44
N TYR A 9 0.51 7.51 -0.71
CA TYR A 9 0.97 8.55 -1.58
C TYR A 9 -0.21 9.06 -2.40
N GLU A 10 -1.08 8.17 -2.78
CA GLU A 10 -2.21 8.49 -3.62
C GLU A 10 -3.26 7.40 -3.52
N ILE A 11 -4.47 7.68 -3.95
CA ILE A 11 -5.56 6.74 -3.93
C ILE A 11 -6.11 6.59 -5.35
N GLN A 12 -6.40 5.37 -5.74
CA GLN A 12 -7.00 5.08 -7.03
C GLN A 12 -8.25 4.26 -6.82
N GLY A 13 -9.31 4.92 -6.41
CA GLY A 13 -10.56 4.24 -6.13
C GLY A 13 -10.44 3.28 -4.98
N MET A 14 -10.40 2.00 -5.28
CA MET A 14 -10.27 0.95 -4.27
C MET A 14 -8.83 0.50 -4.15
N LYS A 15 -7.96 1.16 -4.88
CA LYS A 15 -6.54 0.88 -4.83
C LYS A 15 -5.85 2.05 -4.15
N ALA A 16 -4.70 1.81 -3.61
CA ALA A 16 -3.92 2.84 -2.98
C ALA A 16 -2.47 2.70 -3.39
N VAL A 17 -1.83 3.81 -3.55
CA VAL A 17 -0.43 3.83 -3.90
C VAL A 17 0.36 4.09 -2.65
N VAL A 18 1.13 3.14 -2.25
CA VAL A 18 1.95 3.33 -1.08
C VAL A 18 3.39 3.51 -1.47
N LEU A 19 3.96 4.53 -0.93
CA LEU A 19 5.34 4.77 -1.09
C LEU A 19 5.98 4.19 0.13
N THR A 20 6.61 3.07 -0.04
CA THR A 20 7.23 2.39 1.07
C THR A 20 8.36 3.21 1.64
N SER A 21 8.75 2.89 2.85
CA SER A 21 9.81 3.56 3.56
C SER A 21 11.17 3.38 2.83
N GLU A 22 11.20 2.42 1.91
CA GLU A 22 12.35 2.08 1.11
C GLU A 22 12.28 2.77 -0.27
N GLY A 23 11.26 3.61 -0.46
CA GLY A 23 11.14 4.37 -1.68
C GLY A 23 10.63 3.56 -2.87
N GLU A 24 9.78 2.61 -2.61
CA GLU A 24 9.18 1.83 -3.70
C GLU A 24 7.66 2.08 -3.69
N PHE A 25 7.08 2.34 -4.86
CA PHE A 25 5.65 2.56 -4.95
C PHE A 25 4.95 1.26 -5.23
N LEU A 26 4.06 0.87 -4.36
CA LEU A 26 3.31 -0.35 -4.50
C LEU A 26 1.84 0.00 -4.61
N ILE A 27 1.12 -0.77 -5.39
CA ILE A 27 -0.31 -0.58 -5.51
C ILE A 27 -0.97 -1.61 -4.64
N ILE A 28 -1.62 -1.15 -3.62
CA ILE A 28 -2.24 -2.04 -2.68
C ILE A 28 -3.72 -1.81 -2.63
N ARG A 29 -4.38 -2.70 -1.96
CA ARG A 29 -5.78 -2.60 -1.69
C ARG A 29 -6.00 -1.46 -0.76
N ARG A 30 -6.89 -0.59 -1.10
CA ARG A 30 -7.21 0.47 -0.26
C ARG A 30 -8.22 -0.01 0.76
N ARG A 31 -7.85 0.11 1.99
CA ARG A 31 -8.70 -0.23 3.09
C ARG A 31 -9.49 1.04 3.41
N LYS A 32 -10.42 0.97 4.29
CA LYS A 32 -11.27 2.12 4.52
C LYS A 32 -10.63 3.20 5.35
N ASP A 33 -9.59 2.86 6.09
CA ASP A 33 -8.91 3.84 6.93
C ASP A 33 -7.73 4.48 6.18
N MET A 34 -7.67 4.24 4.89
CA MET A 34 -6.61 4.78 4.06
C MET A 34 -6.76 6.28 3.88
N LYS A 35 -5.89 7.01 4.52
CA LYS A 35 -5.85 8.42 4.37
C LYS A 35 -4.52 8.79 3.76
N VAL A 36 -4.53 9.70 2.83
CA VAL A 36 -3.34 10.10 2.10
C VAL A 36 -2.37 10.80 3.05
N GLY A 37 -1.13 10.36 3.03
CA GLY A 37 -0.12 10.97 3.85
C GLY A 37 0.28 10.14 5.05
N GLN A 38 -0.52 9.15 5.40
CA GLN A 38 -0.19 8.33 6.55
C GLN A 38 0.59 7.08 6.16
N GLN A 39 1.46 6.65 7.05
CA GLN A 39 2.23 5.45 6.86
C GLN A 39 1.42 4.29 7.40
N VAL A 40 1.08 3.38 6.56
CA VAL A 40 0.25 2.27 6.92
C VAL A 40 1.06 1.00 6.89
N SER A 41 0.64 0.04 7.67
CA SER A 41 1.21 -1.24 7.64
C SER A 41 0.25 -2.15 6.92
N PHE A 42 0.67 -2.65 5.82
CA PHE A 42 -0.14 -3.52 5.02
C PHE A 42 0.57 -4.79 4.88
N GLU A 43 -0.08 -5.76 4.37
CA GLU A 43 0.56 -7.02 4.17
C GLU A 43 0.84 -7.20 2.71
N ASN A 44 1.58 -8.24 2.41
CA ASN A 44 1.84 -8.60 1.03
C ASN A 44 0.55 -9.15 0.40
N GLU A 45 -0.40 -9.45 1.28
CA GLU A 45 -1.71 -9.90 0.91
C GLU A 45 -2.57 -8.72 0.44
N ASP A 46 -2.10 -7.50 0.72
CA ASP A 46 -2.81 -6.29 0.31
C ASP A 46 -2.33 -5.77 -1.00
N ILE A 47 -1.26 -6.33 -1.50
CA ILE A 47 -0.68 -5.82 -2.71
C ILE A 47 -1.48 -6.33 -3.91
N TYR A 48 -1.90 -5.38 -4.75
CA TYR A 48 -2.74 -5.67 -5.91
C TYR A 48 -1.97 -6.44 -6.96
N ASN A 49 -0.69 -6.22 -7.01
CA ASN A 49 0.15 -6.91 -7.94
C ASN A 49 1.11 -7.75 -7.19
N VAL A 50 0.92 -9.01 -7.27
CA VAL A 50 1.74 -9.96 -6.56
C VAL A 50 3.08 -10.12 -7.24
N ARG A 51 3.97 -9.21 -6.93
CA ARG A 51 5.34 -9.17 -7.45
C ARG A 51 6.13 -10.37 -6.92
N GLY A 52 5.68 -10.91 -5.81
CA GLY A 52 6.32 -12.06 -5.21
C GLY A 52 7.19 -11.66 -4.05
N LYS A 53 7.76 -10.50 -4.15
CA LYS A 53 8.64 -9.96 -3.16
C LYS A 53 8.72 -8.47 -3.39
N SER A 1 0.94 -12.58 5.37
CA SER A 1 1.71 -12.85 6.58
C SER A 1 3.10 -12.19 6.44
N MET A 2 3.10 -10.91 6.09
CA MET A 2 4.29 -10.12 5.91
C MET A 2 3.90 -8.65 5.73
N ASN A 3 3.70 -7.98 6.82
CA ASN A 3 3.40 -6.55 6.81
C ASN A 3 4.61 -5.74 6.38
N ARG A 4 4.38 -4.87 5.44
CA ARG A 4 5.34 -3.92 4.93
C ARG A 4 4.79 -2.53 5.27
N LEU A 5 5.64 -1.54 5.30
CA LEU A 5 5.21 -0.19 5.64
C LEU A 5 5.28 0.69 4.41
N GLY A 6 4.28 1.50 4.23
CA GLY A 6 4.29 2.43 3.15
C GLY A 6 3.41 3.59 3.43
N ILE A 7 3.70 4.68 2.80
CA ILE A 7 2.98 5.90 2.98
C ILE A 7 1.97 6.05 1.89
N ILE A 8 0.71 6.25 2.26
CA ILE A 8 -0.35 6.44 1.30
C ILE A 8 -0.07 7.70 0.53
N TYR A 9 0.35 7.53 -0.67
CA TYR A 9 0.75 8.59 -1.53
C TYR A 9 -0.44 9.09 -2.30
N GLU A 10 -1.30 8.17 -2.68
CA GLU A 10 -2.44 8.50 -3.51
C GLU A 10 -3.45 7.36 -3.44
N ILE A 11 -4.67 7.63 -3.85
CA ILE A 11 -5.74 6.65 -3.86
C ILE A 11 -6.28 6.50 -5.28
N GLN A 12 -6.49 5.27 -5.69
CA GLN A 12 -7.05 4.97 -6.97
C GLN A 12 -8.27 4.06 -6.79
N GLY A 13 -9.37 4.64 -6.33
CA GLY A 13 -10.59 3.88 -6.13
C GLY A 13 -10.47 2.92 -4.98
N MET A 14 -10.24 1.66 -5.30
CA MET A 14 -10.08 0.61 -4.31
C MET A 14 -8.62 0.27 -4.17
N LYS A 15 -7.79 1.01 -4.85
CA LYS A 15 -6.37 0.81 -4.78
C LYS A 15 -5.73 2.00 -4.11
N ALA A 16 -4.59 1.80 -3.55
CA ALA A 16 -3.85 2.83 -2.90
C ALA A 16 -2.40 2.74 -3.32
N VAL A 17 -1.79 3.88 -3.50
CA VAL A 17 -0.39 3.94 -3.85
C VAL A 17 0.39 4.16 -2.58
N VAL A 18 1.29 3.29 -2.29
CA VAL A 18 2.10 3.44 -1.12
C VAL A 18 3.55 3.63 -1.46
N LEU A 19 4.12 4.64 -0.90
CA LEU A 19 5.52 4.88 -0.98
C LEU A 19 6.12 4.12 0.19
N THR A 20 6.67 2.99 -0.10
CA THR A 20 7.13 2.08 0.93
C THR A 20 8.39 2.57 1.64
N SER A 21 8.78 1.82 2.65
CA SER A 21 10.01 2.03 3.38
C SER A 21 11.21 1.77 2.44
N GLU A 22 10.92 1.06 1.37
CA GLU A 22 11.88 0.72 0.34
C GLU A 22 11.99 1.87 -0.66
N GLY A 23 11.08 2.84 -0.56
CA GLY A 23 11.09 3.96 -1.47
C GLY A 23 10.44 3.60 -2.80
N GLU A 24 9.73 2.52 -2.82
CA GLU A 24 9.06 2.04 -4.00
C GLU A 24 7.60 2.36 -3.91
N PHE A 25 7.00 2.79 -5.00
CA PHE A 25 5.59 3.05 -5.02
C PHE A 25 4.88 1.78 -5.42
N LEU A 26 4.14 1.21 -4.50
CA LEU A 26 3.43 -0.03 -4.74
C LEU A 26 1.96 0.24 -4.78
N ILE A 27 1.25 -0.54 -5.55
CA ILE A 27 -0.19 -0.45 -5.62
C ILE A 27 -0.74 -1.53 -4.70
N ILE A 28 -1.48 -1.13 -3.71
CA ILE A 28 -2.06 -2.06 -2.78
C ILE A 28 -3.56 -1.90 -2.74
N ARG A 29 -4.22 -2.85 -2.14
CA ARG A 29 -5.64 -2.80 -1.91
C ARG A 29 -5.94 -1.76 -0.84
N ARG A 30 -6.83 -0.89 -1.15
CA ARG A 30 -7.20 0.18 -0.26
C ARG A 30 -8.27 -0.29 0.70
N ARG A 31 -8.04 -0.05 1.94
CA ARG A 31 -8.96 -0.38 2.98
C ARG A 31 -9.69 0.88 3.39
N LYS A 32 -10.52 0.77 4.40
CA LYS A 32 -11.28 1.89 4.93
C LYS A 32 -10.34 2.86 5.66
N ASP A 33 -9.29 2.28 6.16
CA ASP A 33 -8.31 2.91 7.02
C ASP A 33 -7.23 3.65 6.24
N MET A 34 -7.40 3.76 4.95
CA MET A 34 -6.41 4.41 4.11
C MET A 34 -6.60 5.91 4.05
N LYS A 35 -5.74 6.63 4.70
CA LYS A 35 -5.74 8.06 4.66
C LYS A 35 -4.47 8.51 3.97
N VAL A 36 -4.59 9.41 3.03
CA VAL A 36 -3.45 9.88 2.27
C VAL A 36 -2.51 10.70 3.16
N GLY A 37 -1.25 10.32 3.16
CA GLY A 37 -0.27 11.04 3.93
C GLY A 37 0.33 10.23 5.03
N GLN A 38 -0.39 9.26 5.54
CA GLN A 38 0.09 8.47 6.65
C GLN A 38 0.78 7.20 6.17
N GLN A 39 1.72 6.75 6.95
CA GLN A 39 2.39 5.50 6.70
C GLN A 39 1.57 4.42 7.34
N VAL A 40 1.19 3.46 6.56
CA VAL A 40 0.35 2.39 7.01
C VAL A 40 1.12 1.10 6.91
N SER A 41 0.68 0.13 7.65
CA SER A 41 1.22 -1.16 7.57
C SER A 41 0.29 -1.97 6.70
N PHE A 42 0.78 -2.51 5.65
CA PHE A 42 0.00 -3.32 4.77
C PHE A 42 0.60 -4.65 4.69
N GLU A 43 -0.16 -5.58 4.35
CA GLU A 43 0.31 -6.91 4.26
C GLU A 43 0.74 -7.22 2.87
N ASN A 44 1.32 -8.38 2.71
CA ASN A 44 1.71 -8.86 1.40
C ASN A 44 0.46 -9.28 0.67
N GLU A 45 -0.52 -9.60 1.47
CA GLU A 45 -1.83 -10.00 1.02
C GLU A 45 -2.67 -8.77 0.59
N ASP A 46 -2.13 -7.56 0.78
CA ASP A 46 -2.83 -6.34 0.35
C ASP A 46 -2.32 -5.90 -1.00
N ILE A 47 -1.10 -6.27 -1.32
CA ILE A 47 -0.40 -5.81 -2.52
C ILE A 47 -1.07 -6.30 -3.80
N TYR A 48 -1.20 -5.40 -4.76
CA TYR A 48 -1.71 -5.71 -6.09
C TYR A 48 -0.55 -6.06 -7.00
N ASN A 49 0.61 -5.57 -6.61
CA ASN A 49 1.85 -5.84 -7.32
C ASN A 49 2.40 -7.16 -6.84
N VAL A 50 1.77 -8.23 -7.22
CA VAL A 50 2.19 -9.55 -6.79
C VAL A 50 3.31 -10.05 -7.69
N ARG A 51 4.52 -10.09 -7.17
CA ARG A 51 5.70 -10.54 -7.94
C ARG A 51 6.51 -11.56 -7.13
N GLY A 52 5.84 -12.23 -6.24
CA GLY A 52 6.48 -13.13 -5.30
C GLY A 52 6.07 -12.67 -3.96
N LYS A 53 5.95 -11.38 -3.89
CA LYS A 53 5.36 -10.67 -2.82
C LYS A 53 4.21 -10.01 -3.48
N SER A 1 0.72 -12.89 5.86
CA SER A 1 1.97 -13.32 5.26
C SER A 1 3.15 -12.55 5.85
N MET A 2 3.33 -11.31 5.39
CA MET A 2 4.46 -10.47 5.75
C MET A 2 4.01 -9.02 5.62
N ASN A 3 3.98 -8.32 6.72
CA ASN A 3 3.62 -6.91 6.72
C ASN A 3 4.70 -6.05 6.09
N ARG A 4 4.27 -4.94 5.57
CA ARG A 4 5.10 -3.97 4.92
C ARG A 4 4.60 -2.57 5.33
N LEU A 5 5.45 -1.58 5.25
CA LEU A 5 5.09 -0.21 5.61
C LEU A 5 5.24 0.69 4.41
N GLY A 6 4.28 1.56 4.21
CA GLY A 6 4.37 2.50 3.15
C GLY A 6 3.46 3.68 3.37
N ILE A 7 3.79 4.77 2.76
CA ILE A 7 3.06 6.01 2.91
C ILE A 7 2.06 6.15 1.78
N ILE A 8 0.81 6.47 2.11
CA ILE A 8 -0.21 6.67 1.12
C ILE A 8 0.14 7.89 0.27
N TYR A 9 0.58 7.62 -0.91
CA TYR A 9 1.02 8.60 -1.84
C TYR A 9 -0.15 9.08 -2.70
N GLU A 10 -1.08 8.18 -2.96
CA GLU A 10 -2.23 8.49 -3.79
C GLU A 10 -3.28 7.38 -3.62
N ILE A 11 -4.52 7.66 -4.00
CA ILE A 11 -5.62 6.72 -3.91
C ILE A 11 -6.26 6.57 -5.29
N GLN A 12 -6.64 5.36 -5.66
CA GLN A 12 -7.36 5.09 -6.90
C GLN A 12 -8.59 4.28 -6.55
N GLY A 13 -9.60 4.93 -6.03
CA GLY A 13 -10.81 4.25 -5.67
C GLY A 13 -10.60 3.30 -4.50
N MET A 14 -10.48 2.02 -4.81
CA MET A 14 -10.25 1.01 -3.79
C MET A 14 -8.81 0.52 -3.83
N LYS A 15 -7.96 1.28 -4.48
CA LYS A 15 -6.54 0.99 -4.49
C LYS A 15 -5.82 2.16 -3.87
N ALA A 16 -4.67 1.91 -3.36
CA ALA A 16 -3.85 2.93 -2.77
C ALA A 16 -2.43 2.77 -3.21
N VAL A 17 -1.76 3.87 -3.39
CA VAL A 17 -0.36 3.88 -3.76
C VAL A 17 0.43 4.10 -2.51
N VAL A 18 1.29 3.21 -2.19
CA VAL A 18 2.12 3.36 -1.03
C VAL A 18 3.56 3.52 -1.42
N LEU A 19 4.16 4.54 -0.92
CA LEU A 19 5.56 4.74 -1.06
C LEU A 19 6.19 4.07 0.15
N THR A 20 6.74 2.91 -0.08
CA THR A 20 7.28 2.09 0.98
C THR A 20 8.51 2.70 1.63
N SER A 21 8.97 2.10 2.71
CA SER A 21 10.17 2.54 3.39
C SER A 21 11.40 2.38 2.48
N GLU A 22 11.24 1.52 1.48
CA GLU A 22 12.27 1.27 0.50
C GLU A 22 12.23 2.32 -0.59
N GLY A 23 11.20 3.15 -0.56
CA GLY A 23 11.08 4.19 -1.54
C GLY A 23 10.51 3.67 -2.84
N GLU A 24 9.71 2.64 -2.76
CA GLU A 24 9.10 2.06 -3.93
C GLU A 24 7.61 2.31 -3.88
N PHE A 25 7.00 2.50 -5.02
CA PHE A 25 5.58 2.73 -5.07
C PHE A 25 4.85 1.44 -5.35
N LEU A 26 4.14 0.99 -4.39
CA LEU A 26 3.38 -0.21 -4.49
C LEU A 26 1.92 0.13 -4.51
N ILE A 27 1.17 -0.63 -5.23
CA ILE A 27 -0.26 -0.42 -5.28
C ILE A 27 -0.89 -1.47 -4.41
N ILE A 28 -1.62 -1.06 -3.43
CA ILE A 28 -2.23 -1.98 -2.50
C ILE A 28 -3.73 -1.79 -2.45
N ARG A 29 -4.38 -2.73 -1.82
CA ARG A 29 -5.81 -2.66 -1.56
C ARG A 29 -6.07 -1.54 -0.56
N ARG A 30 -6.94 -0.63 -0.91
CA ARG A 30 -7.24 0.46 -0.03
C ARG A 30 -8.32 0.03 0.95
N ARG A 31 -8.03 0.23 2.21
CA ARG A 31 -9.01 0.03 3.24
C ARG A 31 -9.64 1.39 3.53
N LYS A 32 -10.73 1.39 4.23
CA LYS A 32 -11.49 2.63 4.49
C LYS A 32 -10.73 3.63 5.35
N ASP A 33 -9.76 3.16 6.11
CA ASP A 33 -8.99 4.05 7.00
C ASP A 33 -7.74 4.58 6.31
N MET A 34 -7.56 4.25 5.05
CA MET A 34 -6.40 4.71 4.29
C MET A 34 -6.57 6.16 3.90
N LYS A 35 -5.83 7.02 4.54
CA LYS A 35 -5.84 8.41 4.26
C LYS A 35 -4.50 8.81 3.68
N VAL A 36 -4.52 9.76 2.78
CA VAL A 36 -3.32 10.17 2.05
C VAL A 36 -2.34 10.91 2.97
N GLY A 37 -1.07 10.59 2.85
CA GLY A 37 -0.05 11.25 3.60
C GLY A 37 0.46 10.43 4.76
N GLN A 38 -0.34 9.53 5.24
CA GLN A 38 0.04 8.73 6.39
C GLN A 38 0.66 7.40 5.97
N GLN A 39 1.48 6.84 6.84
CA GLN A 39 2.07 5.54 6.62
C GLN A 39 1.11 4.47 7.12
N VAL A 40 0.89 3.48 6.32
CA VAL A 40 -0.02 2.43 6.67
C VAL A 40 0.70 1.11 6.77
N SER A 41 0.20 0.25 7.59
CA SER A 41 0.75 -1.05 7.76
C SER A 41 -0.09 -2.02 6.94
N PHE A 42 0.48 -2.61 5.96
CA PHE A 42 -0.25 -3.50 5.10
C PHE A 42 0.48 -4.78 4.99
N GLU A 43 -0.11 -5.72 4.36
CA GLU A 43 0.51 -7.00 4.15
C GLU A 43 0.94 -7.18 2.73
N ASN A 44 1.68 -8.23 2.50
CA ASN A 44 2.14 -8.58 1.16
C ASN A 44 0.95 -9.11 0.36
N GLU A 45 -0.02 -9.61 1.10
CA GLU A 45 -1.27 -10.09 0.55
C GLU A 45 -2.16 -8.91 0.14
N ASP A 46 -1.81 -7.71 0.59
CA ASP A 46 -2.63 -6.54 0.30
C ASP A 46 -2.14 -5.84 -0.94
N ILE A 47 -0.95 -6.18 -1.38
CA ILE A 47 -0.36 -5.53 -2.51
C ILE A 47 -0.96 -6.08 -3.79
N TYR A 48 -1.42 -5.19 -4.61
CA TYR A 48 -1.95 -5.50 -5.91
C TYR A 48 -0.80 -5.54 -6.89
N ASN A 49 0.15 -4.66 -6.66
CA ASN A 49 1.28 -4.47 -7.58
C ASN A 49 2.56 -4.33 -6.80
N VAL A 50 3.36 -5.35 -6.81
CA VAL A 50 4.61 -5.35 -6.07
C VAL A 50 5.72 -4.75 -6.93
N ARG A 51 5.88 -5.30 -8.09
CA ARG A 51 6.90 -4.88 -9.03
C ARG A 51 6.23 -4.67 -10.37
N GLY A 52 5.17 -3.88 -10.34
CA GLY A 52 4.33 -3.72 -11.52
C GLY A 52 3.24 -4.76 -11.47
N LYS A 53 3.63 -5.93 -11.06
CA LYS A 53 2.76 -7.03 -10.80
C LYS A 53 3.27 -7.62 -9.50
N SER A 1 2.74 -14.34 4.89
CA SER A 1 2.38 -12.96 4.66
C SER A 1 3.25 -12.09 5.53
N MET A 2 3.87 -11.10 4.94
CA MET A 2 4.69 -10.18 5.67
C MET A 2 4.04 -8.82 5.60
N ASN A 3 4.23 -8.04 6.60
CA ASN A 3 3.71 -6.69 6.65
C ASN A 3 4.76 -5.72 6.16
N ARG A 4 4.33 -4.70 5.49
CA ARG A 4 5.19 -3.67 4.97
C ARG A 4 4.62 -2.33 5.36
N LEU A 5 5.45 -1.32 5.35
CA LEU A 5 5.04 0.01 5.76
C LEU A 5 5.23 0.98 4.61
N GLY A 6 4.22 1.73 4.30
CA GLY A 6 4.31 2.68 3.23
C GLY A 6 3.41 3.84 3.42
N ILE A 7 3.75 4.93 2.80
CA ILE A 7 3.01 6.16 2.90
C ILE A 7 2.04 6.23 1.77
N ILE A 8 0.79 6.49 2.08
CA ILE A 8 -0.23 6.65 1.06
C ILE A 8 0.10 7.86 0.23
N TYR A 9 0.57 7.59 -0.94
CA TYR A 9 1.03 8.59 -1.85
C TYR A 9 -0.15 9.08 -2.68
N GLU A 10 -1.05 8.19 -2.99
CA GLU A 10 -2.22 8.51 -3.81
C GLU A 10 -3.26 7.40 -3.65
N ILE A 11 -4.50 7.70 -3.98
CA ILE A 11 -5.60 6.75 -3.87
C ILE A 11 -6.21 6.52 -5.27
N GLN A 12 -6.54 5.29 -5.59
CA GLN A 12 -7.22 4.95 -6.83
C GLN A 12 -8.47 4.19 -6.48
N GLY A 13 -9.48 4.90 -6.03
CA GLY A 13 -10.72 4.27 -5.65
C GLY A 13 -10.55 3.39 -4.44
N MET A 14 -10.48 2.09 -4.70
CA MET A 14 -10.29 1.12 -3.66
C MET A 14 -8.86 0.62 -3.61
N LYS A 15 -8.01 1.23 -4.40
CA LYS A 15 -6.60 0.92 -4.39
C LYS A 15 -5.87 2.10 -3.78
N ALA A 16 -4.69 1.86 -3.29
CA ALA A 16 -3.87 2.91 -2.76
C ALA A 16 -2.44 2.73 -3.22
N VAL A 17 -1.76 3.82 -3.44
CA VAL A 17 -0.36 3.82 -3.80
C VAL A 17 0.42 4.07 -2.54
N VAL A 18 1.27 3.17 -2.19
CA VAL A 18 2.10 3.35 -1.04
C VAL A 18 3.54 3.51 -1.42
N LEU A 19 4.12 4.52 -0.90
CA LEU A 19 5.53 4.72 -1.03
C LEU A 19 6.14 4.15 0.22
N THR A 20 6.73 2.98 0.10
CA THR A 20 7.27 2.30 1.25
C THR A 20 8.44 3.04 1.86
N SER A 21 8.86 2.57 3.02
CA SER A 21 10.01 3.12 3.70
C SER A 21 11.28 2.90 2.88
N GLU A 22 11.18 1.99 1.93
CA GLU A 22 12.26 1.63 1.04
C GLU A 22 12.26 2.54 -0.18
N GLY A 23 11.22 3.33 -0.33
CA GLY A 23 11.11 4.22 -1.46
C GLY A 23 10.53 3.54 -2.68
N GLU A 24 9.74 2.52 -2.47
CA GLU A 24 9.13 1.79 -3.57
C GLU A 24 7.66 2.16 -3.62
N PHE A 25 7.10 2.26 -4.79
CA PHE A 25 5.69 2.55 -4.92
C PHE A 25 4.94 1.27 -5.21
N LEU A 26 4.14 0.86 -4.31
CA LEU A 26 3.37 -0.34 -4.47
C LEU A 26 1.91 0.02 -4.45
N ILE A 27 1.14 -0.71 -5.19
CA ILE A 27 -0.28 -0.51 -5.21
C ILE A 27 -0.87 -1.54 -4.28
N ILE A 28 -1.65 -1.12 -3.36
CA ILE A 28 -2.24 -2.04 -2.40
C ILE A 28 -3.73 -1.85 -2.32
N ARG A 29 -4.37 -2.79 -1.65
CA ARG A 29 -5.78 -2.68 -1.32
C ARG A 29 -5.94 -1.52 -0.36
N ARG A 30 -6.80 -0.60 -0.68
CA ARG A 30 -7.07 0.48 0.21
C ARG A 30 -8.11 0.05 1.21
N ARG A 31 -7.83 0.27 2.45
CA ARG A 31 -8.76 -0.05 3.50
C ARG A 31 -9.50 1.22 3.87
N LYS A 32 -10.55 1.10 4.63
CA LYS A 32 -11.42 2.25 4.96
C LYS A 32 -10.73 3.27 5.88
N ASP A 33 -9.62 2.88 6.46
CA ASP A 33 -8.87 3.75 7.36
C ASP A 33 -7.69 4.45 6.63
N MET A 34 -7.58 4.21 5.34
CA MET A 34 -6.47 4.77 4.54
C MET A 34 -6.69 6.23 4.18
N LYS A 35 -5.83 7.09 4.68
CA LYS A 35 -5.82 8.50 4.32
C LYS A 35 -4.50 8.82 3.65
N VAL A 36 -4.51 9.78 2.75
CA VAL A 36 -3.32 10.15 1.99
C VAL A 36 -2.29 10.87 2.89
N GLY A 37 -1.04 10.46 2.81
CA GLY A 37 0.00 11.10 3.59
C GLY A 37 0.46 10.29 4.77
N GLN A 38 -0.35 9.35 5.21
CA GLN A 38 0.01 8.56 6.36
C GLN A 38 0.72 7.26 5.97
N GLN A 39 1.64 6.83 6.81
CA GLN A 39 2.30 5.56 6.65
C GLN A 39 1.41 4.47 7.22
N VAL A 40 1.01 3.56 6.39
CA VAL A 40 0.13 2.48 6.77
C VAL A 40 0.88 1.17 6.77
N SER A 41 0.32 0.20 7.43
CA SER A 41 0.86 -1.12 7.43
C SER A 41 -0.05 -1.99 6.60
N PHE A 42 0.52 -2.67 5.66
CA PHE A 42 -0.24 -3.55 4.81
C PHE A 42 0.46 -4.85 4.74
N GLU A 43 -0.18 -5.83 4.20
CA GLU A 43 0.41 -7.12 4.10
C GLU A 43 0.73 -7.43 2.65
N ASN A 44 1.52 -8.47 2.45
CA ASN A 44 1.92 -8.92 1.11
C ASN A 44 0.73 -9.30 0.25
N GLU A 45 -0.31 -9.76 0.90
CA GLU A 45 -1.54 -10.15 0.24
C GLU A 45 -2.30 -8.93 -0.26
N ASP A 46 -2.08 -7.79 0.40
CA ASP A 46 -2.77 -6.55 0.02
C ASP A 46 -2.11 -5.93 -1.17
N ILE A 47 -0.92 -6.36 -1.46
CA ILE A 47 -0.14 -5.81 -2.52
C ILE A 47 -0.67 -6.25 -3.89
N TYR A 48 -1.17 -5.29 -4.62
CA TYR A 48 -1.75 -5.50 -5.93
C TYR A 48 -0.66 -5.58 -6.99
N ASN A 49 0.55 -5.32 -6.59
CA ASN A 49 1.70 -5.54 -7.45
C ASN A 49 1.90 -7.03 -7.59
N VAL A 50 1.78 -7.72 -6.46
CA VAL A 50 1.93 -9.16 -6.42
C VAL A 50 0.62 -9.82 -6.85
N ARG A 51 -0.46 -9.30 -6.33
CA ARG A 51 -1.78 -9.82 -6.65
C ARG A 51 -2.41 -9.06 -7.80
N GLY A 52 -1.62 -8.81 -8.82
CA GLY A 52 -2.10 -8.09 -9.98
C GLY A 52 -1.17 -8.31 -11.15
N LYS A 53 -0.72 -9.53 -11.30
CA LYS A 53 0.14 -9.91 -12.38
C LYS A 53 -0.44 -11.13 -13.05
N SER A 1 1.14 -13.97 6.46
CA SER A 1 1.06 -12.52 6.46
C SER A 1 2.42 -11.91 6.75
N MET A 2 2.93 -11.14 5.81
CA MET A 2 4.14 -10.36 6.00
C MET A 2 3.71 -8.92 5.91
N ASN A 3 4.13 -8.10 6.81
CA ASN A 3 3.74 -6.70 6.79
C ASN A 3 4.74 -5.84 6.08
N ARG A 4 4.22 -4.90 5.34
CA ARG A 4 4.98 -3.93 4.61
C ARG A 4 4.54 -2.57 5.11
N LEU A 5 5.43 -1.63 5.11
CA LEU A 5 5.15 -0.29 5.55
C LEU A 5 5.25 0.65 4.37
N GLY A 6 4.26 1.49 4.20
CA GLY A 6 4.29 2.44 3.14
C GLY A 6 3.42 3.62 3.42
N ILE A 7 3.73 4.72 2.80
CA ILE A 7 2.99 5.95 2.97
C ILE A 7 1.98 6.07 1.85
N ILE A 8 0.75 6.36 2.20
CA ILE A 8 -0.28 6.57 1.20
C ILE A 8 0.04 7.83 0.43
N TYR A 9 0.53 7.64 -0.74
CA TYR A 9 0.93 8.70 -1.59
C TYR A 9 -0.28 9.22 -2.34
N GLU A 10 -1.13 8.30 -2.76
CA GLU A 10 -2.28 8.62 -3.55
C GLU A 10 -3.26 7.45 -3.47
N ILE A 11 -4.49 7.69 -3.85
CA ILE A 11 -5.52 6.67 -3.84
C ILE A 11 -6.05 6.48 -5.25
N GLN A 12 -6.26 5.25 -5.64
CA GLN A 12 -6.85 4.93 -6.91
C GLN A 12 -8.12 4.15 -6.65
N GLY A 13 -9.14 4.86 -6.19
CA GLY A 13 -10.41 4.25 -5.86
C GLY A 13 -10.29 3.24 -4.73
N MET A 14 -10.28 1.97 -5.10
CA MET A 14 -10.20 0.87 -4.15
C MET A 14 -8.78 0.36 -4.03
N LYS A 15 -7.88 1.07 -4.66
CA LYS A 15 -6.48 0.74 -4.60
C LYS A 15 -5.75 1.93 -4.01
N ALA A 16 -4.61 1.71 -3.45
CA ALA A 16 -3.84 2.77 -2.87
C ALA A 16 -2.41 2.69 -3.34
N VAL A 17 -1.81 3.83 -3.52
CA VAL A 17 -0.41 3.92 -3.91
C VAL A 17 0.41 4.16 -2.67
N VAL A 18 1.22 3.21 -2.32
CA VAL A 18 2.04 3.34 -1.16
C VAL A 18 3.47 3.54 -1.52
N LEU A 19 4.07 4.53 -0.92
CA LEU A 19 5.46 4.75 -1.03
C LEU A 19 6.09 4.04 0.14
N THR A 20 6.65 2.89 -0.12
CA THR A 20 7.19 2.06 0.91
C THR A 20 8.44 2.67 1.52
N SER A 21 8.90 2.09 2.60
CA SER A 21 10.10 2.49 3.27
C SER A 21 11.34 2.28 2.36
N GLU A 22 11.13 1.50 1.31
CA GLU A 22 12.15 1.22 0.32
C GLU A 22 12.20 2.33 -0.72
N GLY A 23 11.19 3.20 -0.72
CA GLY A 23 11.13 4.28 -1.68
C GLY A 23 10.51 3.85 -2.98
N GLU A 24 9.68 2.83 -2.90
CA GLU A 24 9.01 2.31 -4.07
C GLU A 24 7.54 2.62 -3.98
N PHE A 25 6.91 2.80 -5.11
CA PHE A 25 5.48 3.05 -5.15
C PHE A 25 4.78 1.78 -5.55
N LEU A 26 4.05 1.23 -4.65
CA LEU A 26 3.34 -0.02 -4.86
C LEU A 26 1.86 0.22 -4.87
N ILE A 27 1.14 -0.64 -5.53
CA ILE A 27 -0.29 -0.57 -5.58
C ILE A 27 -0.85 -1.62 -4.65
N ILE A 28 -1.57 -1.20 -3.66
CA ILE A 28 -2.14 -2.12 -2.71
C ILE A 28 -3.64 -1.98 -2.66
N ARG A 29 -4.27 -2.93 -2.03
CA ARG A 29 -5.70 -2.90 -1.76
C ARG A 29 -5.96 -1.77 -0.79
N ARG A 30 -6.85 -0.89 -1.13
CA ARG A 30 -7.13 0.18 -0.25
C ARG A 30 -8.16 -0.25 0.75
N ARG A 31 -7.82 -0.15 1.99
CA ARG A 31 -8.75 -0.39 3.03
C ARG A 31 -9.34 0.95 3.40
N LYS A 32 -10.43 0.96 4.12
CA LYS A 32 -11.08 2.21 4.49
C LYS A 32 -10.29 2.98 5.55
N ASP A 33 -9.26 2.33 6.07
CA ASP A 33 -8.37 2.92 7.07
C ASP A 33 -7.36 3.84 6.41
N MET A 34 -7.19 3.65 5.11
CA MET A 34 -6.18 4.37 4.33
C MET A 34 -6.54 5.83 4.13
N LYS A 35 -5.74 6.67 4.75
CA LYS A 35 -5.84 8.09 4.63
C LYS A 35 -4.58 8.56 3.92
N VAL A 36 -4.72 9.49 3.01
CA VAL A 36 -3.59 9.99 2.23
C VAL A 36 -2.56 10.70 3.12
N GLY A 37 -1.31 10.28 3.00
CA GLY A 37 -0.24 10.92 3.72
C GLY A 37 0.28 10.12 4.89
N GLN A 38 -0.49 9.17 5.36
CA GLN A 38 -0.04 8.41 6.52
C GLN A 38 0.69 7.13 6.11
N GLN A 39 1.64 6.74 6.93
CA GLN A 39 2.34 5.50 6.75
C GLN A 39 1.50 4.40 7.35
N VAL A 40 1.13 3.46 6.54
CA VAL A 40 0.24 2.42 6.93
C VAL A 40 0.98 1.10 6.98
N SER A 41 0.48 0.21 7.79
CA SER A 41 1.00 -1.11 7.87
C SER A 41 0.01 -2.03 7.21
N PHE A 42 0.40 -2.63 6.14
CA PHE A 42 -0.46 -3.50 5.40
C PHE A 42 0.26 -4.77 5.19
N GLU A 43 -0.39 -5.75 4.70
CA GLU A 43 0.27 -6.96 4.48
C GLU A 43 0.63 -7.10 3.02
N ASN A 44 1.48 -8.04 2.72
CA ASN A 44 1.92 -8.30 1.35
C ASN A 44 0.80 -8.92 0.56
N GLU A 45 -0.20 -9.37 1.27
CA GLU A 45 -1.41 -9.91 0.71
C GLU A 45 -2.22 -8.77 0.08
N ASP A 46 -2.07 -7.57 0.66
CA ASP A 46 -2.74 -6.36 0.17
C ASP A 46 -2.10 -5.88 -1.10
N ILE A 47 -0.87 -6.26 -1.32
CA ILE A 47 -0.13 -5.79 -2.45
C ILE A 47 -0.67 -6.39 -3.75
N TYR A 48 -1.18 -5.52 -4.58
CA TYR A 48 -1.76 -5.89 -5.85
C TYR A 48 -0.69 -6.27 -6.83
N ASN A 49 0.51 -5.79 -6.58
CA ASN A 49 1.66 -6.12 -7.41
C ASN A 49 1.96 -7.59 -7.33
N VAL A 50 1.63 -8.19 -6.19
CA VAL A 50 1.85 -9.60 -5.99
C VAL A 50 0.70 -10.39 -6.61
N ARG A 51 -0.50 -10.11 -6.17
CA ARG A 51 -1.67 -10.81 -6.67
C ARG A 51 -2.79 -9.86 -6.96
N GLY A 52 -3.61 -10.20 -7.93
CA GLY A 52 -4.75 -9.39 -8.26
C GLY A 52 -4.45 -8.44 -9.39
N LYS A 53 -3.63 -7.44 -9.09
CA LYS A 53 -3.26 -6.36 -10.02
C LYS A 53 -4.50 -5.56 -10.41
N SER A 1 0.65 -13.00 8.38
CA SER A 1 0.57 -11.86 7.50
C SER A 1 1.98 -11.34 7.22
N MET A 2 2.19 -10.74 6.06
CA MET A 2 3.48 -10.16 5.75
C MET A 2 3.33 -8.65 5.68
N ASN A 3 3.56 -8.00 6.79
CA ASN A 3 3.38 -6.57 6.85
C ASN A 3 4.56 -5.80 6.32
N ARG A 4 4.24 -4.88 5.46
CA ARG A 4 5.16 -3.96 4.84
C ARG A 4 4.69 -2.56 5.26
N LEU A 5 5.56 -1.58 5.19
CA LEU A 5 5.23 -0.22 5.63
C LEU A 5 5.38 0.77 4.50
N GLY A 6 4.39 1.62 4.33
CA GLY A 6 4.43 2.58 3.27
C GLY A 6 3.52 3.73 3.53
N ILE A 7 3.82 4.82 2.89
CA ILE A 7 3.05 6.02 3.03
C ILE A 7 2.10 6.11 1.87
N ILE A 8 0.86 6.38 2.16
CA ILE A 8 -0.12 6.51 1.11
C ILE A 8 0.16 7.75 0.31
N TYR A 9 0.56 7.51 -0.90
CA TYR A 9 0.91 8.53 -1.83
C TYR A 9 -0.35 9.00 -2.55
N GLU A 10 -1.21 8.06 -2.87
CA GLU A 10 -2.42 8.33 -3.61
C GLU A 10 -3.44 7.22 -3.38
N ILE A 11 -4.68 7.49 -3.68
CA ILE A 11 -5.78 6.56 -3.54
C ILE A 11 -6.49 6.47 -4.86
N GLN A 12 -6.76 5.29 -5.30
CA GLN A 12 -7.40 5.07 -6.58
C GLN A 12 -8.47 4.02 -6.43
N GLY A 13 -9.65 4.47 -6.03
CA GLY A 13 -10.76 3.59 -5.79
C GLY A 13 -10.49 2.73 -4.59
N MET A 14 -10.46 1.44 -4.80
CA MET A 14 -10.17 0.50 -3.73
C MET A 14 -8.70 0.13 -3.70
N LYS A 15 -7.90 0.86 -4.43
CA LYS A 15 -6.48 0.65 -4.43
C LYS A 15 -5.79 1.87 -3.88
N ALA A 16 -4.60 1.70 -3.43
CA ALA A 16 -3.83 2.75 -2.89
C ALA A 16 -2.41 2.62 -3.35
N VAL A 17 -1.74 3.71 -3.42
CA VAL A 17 -0.35 3.73 -3.79
C VAL A 17 0.46 3.99 -2.56
N VAL A 18 1.34 3.10 -2.25
CA VAL A 18 2.19 3.26 -1.11
C VAL A 18 3.59 3.52 -1.52
N LEU A 19 4.15 4.54 -0.95
CA LEU A 19 5.54 4.80 -1.07
C LEU A 19 6.15 4.18 0.14
N THR A 20 6.77 3.04 -0.04
CA THR A 20 7.28 2.28 1.07
C THR A 20 8.49 2.94 1.70
N SER A 21 8.94 2.39 2.79
CA SER A 21 10.12 2.86 3.48
C SER A 21 11.39 2.68 2.61
N GLU A 22 11.26 1.87 1.58
CA GLU A 22 12.31 1.61 0.64
C GLU A 22 12.30 2.66 -0.46
N GLY A 23 11.27 3.50 -0.48
CA GLY A 23 11.16 4.51 -1.50
C GLY A 23 10.61 3.95 -2.79
N GLU A 24 9.79 2.94 -2.67
CA GLU A 24 9.20 2.32 -3.82
C GLU A 24 7.71 2.54 -3.81
N PHE A 25 7.10 2.67 -4.97
CA PHE A 25 5.67 2.87 -5.07
C PHE A 25 5.01 1.58 -5.44
N LEU A 26 4.25 1.04 -4.56
CA LEU A 26 3.55 -0.20 -4.79
C LEU A 26 2.05 0.04 -4.81
N ILE A 27 1.37 -0.69 -5.66
CA ILE A 27 -0.08 -0.61 -5.74
C ILE A 27 -0.64 -1.64 -4.80
N ILE A 28 -1.36 -1.19 -3.82
CA ILE A 28 -1.92 -2.06 -2.86
C ILE A 28 -3.40 -1.83 -2.78
N ARG A 29 -4.06 -2.69 -2.09
CA ARG A 29 -5.46 -2.57 -1.86
C ARG A 29 -5.70 -1.64 -0.68
N ARG A 30 -6.60 -0.71 -0.86
CA ARG A 30 -6.91 0.27 0.15
C ARG A 30 -7.72 -0.35 1.28
N ARG A 31 -7.34 -0.04 2.48
CA ARG A 31 -8.06 -0.48 3.65
C ARG A 31 -8.93 0.66 4.14
N LYS A 32 -9.73 0.41 5.14
CA LYS A 32 -10.70 1.39 5.60
C LYS A 32 -10.06 2.61 6.27
N ASP A 33 -8.96 2.41 6.98
CA ASP A 33 -8.32 3.52 7.70
C ASP A 33 -7.34 4.25 6.80
N MET A 34 -7.10 3.67 5.66
CA MET A 34 -6.13 4.13 4.72
C MET A 34 -6.53 5.48 4.10
N LYS A 35 -5.82 6.51 4.54
CA LYS A 35 -5.96 7.87 4.06
C LYS A 35 -4.67 8.26 3.42
N VAL A 36 -4.70 9.21 2.52
CA VAL A 36 -3.47 9.69 1.89
C VAL A 36 -2.62 10.47 2.89
N GLY A 37 -1.32 10.26 2.84
CA GLY A 37 -0.42 11.03 3.66
C GLY A 37 0.10 10.29 4.86
N GLN A 38 -0.63 9.32 5.33
CA GLN A 38 -0.22 8.59 6.51
C GLN A 38 0.55 7.33 6.12
N GLN A 39 1.40 6.88 7.01
CA GLN A 39 2.12 5.65 6.82
C GLN A 39 1.27 4.54 7.37
N VAL A 40 1.10 3.53 6.60
CA VAL A 40 0.25 2.43 6.96
C VAL A 40 1.03 1.15 7.00
N SER A 41 0.55 0.25 7.79
CA SER A 41 1.06 -1.06 7.82
C SER A 41 0.13 -1.89 6.97
N PHE A 42 0.62 -2.41 5.90
CA PHE A 42 -0.20 -3.19 5.01
C PHE A 42 0.41 -4.53 4.84
N GLU A 43 -0.31 -5.41 4.27
CA GLU A 43 0.16 -6.74 4.09
C GLU A 43 0.53 -6.99 2.65
N ASN A 44 1.24 -8.08 2.41
CA ASN A 44 1.64 -8.44 1.04
C ASN A 44 0.47 -9.04 0.35
N GLU A 45 -0.42 -9.55 1.16
CA GLU A 45 -1.69 -10.06 0.75
C GLU A 45 -2.56 -8.93 0.17
N ASP A 46 -2.21 -7.68 0.50
CA ASP A 46 -2.92 -6.49 0.00
C ASP A 46 -2.23 -5.92 -1.21
N ILE A 47 -1.02 -6.36 -1.47
CA ILE A 47 -0.27 -5.80 -2.57
C ILE A 47 -0.73 -6.38 -3.88
N TYR A 48 -1.24 -5.53 -4.73
CA TYR A 48 -1.76 -5.91 -6.03
C TYR A 48 -0.63 -6.16 -7.00
N ASN A 49 0.56 -5.71 -6.65
CA ASN A 49 1.75 -5.92 -7.44
C ASN A 49 2.37 -7.29 -7.16
N VAL A 50 1.88 -7.95 -6.11
CA VAL A 50 2.35 -9.27 -5.77
C VAL A 50 1.32 -10.26 -6.27
N ARG A 51 1.61 -10.86 -7.39
CA ARG A 51 0.69 -11.78 -7.99
C ARG A 51 1.09 -13.22 -7.68
N GLY A 52 2.35 -13.44 -7.45
CA GLY A 52 2.84 -14.76 -7.17
C GLY A 52 3.38 -14.86 -5.76
N LYS A 53 2.58 -15.46 -4.88
CA LYS A 53 2.92 -15.68 -3.48
C LYS A 53 3.15 -14.36 -2.73
N SER A 1 1.49 -14.34 6.52
CA SER A 1 1.42 -13.10 5.79
C SER A 1 2.66 -12.28 6.10
N MET A 2 2.94 -11.26 5.32
CA MET A 2 4.12 -10.43 5.56
C MET A 2 3.71 -8.97 5.59
N ASN A 3 4.10 -8.25 6.62
CA ASN A 3 3.73 -6.84 6.76
C ASN A 3 4.75 -5.94 6.10
N ARG A 4 4.25 -4.90 5.49
CA ARG A 4 5.06 -3.92 4.82
C ARG A 4 4.59 -2.54 5.32
N LEU A 5 5.42 -1.54 5.19
CA LEU A 5 5.07 -0.19 5.60
C LEU A 5 5.14 0.72 4.40
N GLY A 6 4.26 1.66 4.32
CA GLY A 6 4.32 2.62 3.26
C GLY A 6 3.44 3.80 3.53
N ILE A 7 3.77 4.88 2.90
CA ILE A 7 3.05 6.12 3.03
C ILE A 7 2.07 6.22 1.90
N ILE A 8 0.83 6.50 2.22
CA ILE A 8 -0.19 6.65 1.21
C ILE A 8 0.10 7.89 0.38
N TYR A 9 0.58 7.64 -0.80
CA TYR A 9 0.98 8.65 -1.71
C TYR A 9 -0.21 9.09 -2.54
N GLU A 10 -1.08 8.15 -2.86
CA GLU A 10 -2.22 8.43 -3.70
C GLU A 10 -3.25 7.31 -3.56
N ILE A 11 -4.46 7.57 -4.02
CA ILE A 11 -5.57 6.65 -3.94
C ILE A 11 -6.24 6.52 -5.31
N GLN A 12 -6.61 5.32 -5.68
CA GLN A 12 -7.28 5.04 -6.92
C GLN A 12 -8.41 4.08 -6.67
N GLY A 13 -9.52 4.62 -6.25
CA GLY A 13 -10.64 3.83 -5.88
C GLY A 13 -10.34 3.11 -4.61
N MET A 14 -10.41 1.82 -4.65
CA MET A 14 -10.08 1.03 -3.48
C MET A 14 -8.66 0.49 -3.59
N LYS A 15 -7.84 1.19 -4.35
CA LYS A 15 -6.45 0.87 -4.45
C LYS A 15 -5.67 2.03 -3.93
N ALA A 16 -4.57 1.79 -3.35
CA ALA A 16 -3.75 2.82 -2.79
C ALA A 16 -2.35 2.70 -3.29
N VAL A 17 -1.71 3.82 -3.45
CA VAL A 17 -0.33 3.88 -3.83
C VAL A 17 0.46 4.12 -2.58
N VAL A 18 1.24 3.18 -2.19
CA VAL A 18 2.06 3.33 -1.03
C VAL A 18 3.49 3.51 -1.43
N LEU A 19 4.07 4.52 -0.89
CA LEU A 19 5.47 4.74 -1.02
C LEU A 19 6.07 4.07 0.19
N THR A 20 6.62 2.91 -0.01
CA THR A 20 7.09 2.08 1.07
C THR A 20 8.28 2.67 1.81
N SER A 21 8.67 2.00 2.88
CA SER A 21 9.83 2.35 3.65
C SER A 21 11.13 2.08 2.86
N GLU A 22 10.97 1.46 1.70
CA GLU A 22 12.02 1.19 0.79
C GLU A 22 12.06 2.27 -0.27
N GLY A 23 11.06 3.14 -0.24
CA GLY A 23 10.96 4.23 -1.17
C GLY A 23 10.39 3.79 -2.50
N GLU A 24 9.65 2.72 -2.50
CA GLU A 24 9.08 2.19 -3.72
C GLU A 24 7.58 2.38 -3.74
N PHE A 25 7.03 2.62 -4.90
CA PHE A 25 5.59 2.81 -5.03
C PHE A 25 4.92 1.50 -5.38
N LEU A 26 4.06 1.05 -4.53
CA LEU A 26 3.33 -0.18 -4.75
C LEU A 26 1.84 0.08 -4.73
N ILE A 27 1.10 -0.64 -5.55
CA ILE A 27 -0.34 -0.54 -5.58
C ILE A 27 -0.89 -1.61 -4.67
N ILE A 28 -1.61 -1.20 -3.67
CA ILE A 28 -2.17 -2.12 -2.71
C ILE A 28 -3.66 -1.92 -2.57
N ARG A 29 -4.30 -2.88 -1.95
CA ARG A 29 -5.70 -2.78 -1.57
C ARG A 29 -5.84 -1.67 -0.56
N ARG A 30 -6.73 -0.77 -0.80
CA ARG A 30 -6.96 0.29 0.13
C ARG A 30 -8.00 -0.15 1.12
N ARG A 31 -7.60 -0.20 2.36
CA ARG A 31 -8.49 -0.52 3.42
C ARG A 31 -9.04 0.81 3.94
N LYS A 32 -9.89 0.78 4.94
CA LYS A 32 -10.48 2.01 5.47
C LYS A 32 -9.47 2.75 6.36
N ASP A 33 -8.39 2.05 6.68
CA ASP A 33 -7.31 2.61 7.51
C ASP A 33 -6.38 3.46 6.67
N MET A 34 -6.56 3.41 5.37
CA MET A 34 -5.68 4.11 4.49
C MET A 34 -6.16 5.52 4.23
N LYS A 35 -5.47 6.45 4.81
CA LYS A 35 -5.70 7.84 4.61
C LYS A 35 -4.48 8.39 3.93
N VAL A 36 -4.66 9.32 3.04
CA VAL A 36 -3.56 9.86 2.27
C VAL A 36 -2.61 10.66 3.15
N GLY A 37 -1.33 10.41 2.97
CA GLY A 37 -0.32 11.14 3.68
C GLY A 37 0.26 10.41 4.85
N GLN A 38 -0.47 9.47 5.41
CA GLN A 38 0.03 8.75 6.56
C GLN A 38 0.72 7.45 6.15
N GLN A 39 1.56 6.96 7.02
CA GLN A 39 2.23 5.71 6.81
C GLN A 39 1.36 4.61 7.39
N VAL A 40 1.10 3.62 6.61
CA VAL A 40 0.26 2.54 7.01
C VAL A 40 1.02 1.23 6.91
N SER A 41 0.53 0.24 7.58
CA SER A 41 1.06 -1.05 7.44
C SER A 41 0.05 -1.89 6.75
N PHE A 42 0.49 -2.59 5.79
CA PHE A 42 -0.32 -3.45 5.02
C PHE A 42 0.40 -4.73 4.91
N GLU A 43 -0.23 -5.68 4.36
CA GLU A 43 0.38 -6.94 4.19
C GLU A 43 0.67 -7.15 2.73
N ASN A 44 1.47 -8.14 2.45
CA ASN A 44 1.89 -8.44 1.08
C ASN A 44 0.73 -9.03 0.33
N GLU A 45 -0.15 -9.58 1.11
CA GLU A 45 -1.38 -10.12 0.68
C GLU A 45 -2.31 -9.00 0.18
N ASP A 46 -2.09 -7.78 0.67
CA ASP A 46 -2.86 -6.61 0.26
C ASP A 46 -2.28 -6.00 -0.98
N ILE A 47 -1.08 -6.39 -1.30
CA ILE A 47 -0.40 -5.83 -2.43
C ILE A 47 -0.99 -6.39 -3.72
N TYR A 48 -1.33 -5.50 -4.61
CA TYR A 48 -1.86 -5.86 -5.91
C TYR A 48 -0.71 -6.17 -6.85
N ASN A 49 0.43 -5.60 -6.55
CA ASN A 49 1.64 -5.80 -7.34
C ASN A 49 2.45 -6.92 -6.74
N VAL A 50 2.05 -8.13 -6.95
CA VAL A 50 2.79 -9.25 -6.41
C VAL A 50 3.87 -9.68 -7.38
N ARG A 51 5.08 -9.30 -7.07
CA ARG A 51 6.20 -9.70 -7.85
C ARG A 51 7.09 -10.54 -6.97
N GLY A 52 6.75 -11.79 -6.89
CA GLY A 52 7.48 -12.72 -6.08
C GLY A 52 8.14 -13.73 -6.94
N LYS A 53 7.34 -14.48 -7.64
CA LYS A 53 7.78 -15.41 -8.62
C LYS A 53 6.64 -15.55 -9.59
N SER A 1 -0.46 -11.67 7.36
CA SER A 1 0.72 -12.45 7.61
C SER A 1 2.01 -11.64 7.42
N MET A 2 2.15 -10.91 6.33
CA MET A 2 3.38 -10.16 6.09
C MET A 2 3.15 -8.69 6.00
N ASN A 3 3.57 -7.95 6.99
CA ASN A 3 3.37 -6.50 7.01
C ASN A 3 4.53 -5.76 6.36
N ARG A 4 4.19 -4.72 5.66
CA ARG A 4 5.11 -3.82 5.01
C ARG A 4 4.70 -2.40 5.42
N LEU A 5 5.61 -1.46 5.34
CA LEU A 5 5.33 -0.08 5.75
C LEU A 5 5.43 0.86 4.57
N GLY A 6 4.37 1.57 4.30
CA GLY A 6 4.39 2.50 3.21
C GLY A 6 3.49 3.66 3.48
N ILE A 7 3.78 4.74 2.83
CA ILE A 7 3.03 5.96 2.95
C ILE A 7 2.01 6.03 1.84
N ILE A 8 0.78 6.32 2.18
CA ILE A 8 -0.26 6.46 1.18
C ILE A 8 -0.01 7.70 0.37
N TYR A 9 0.49 7.47 -0.80
CA TYR A 9 0.83 8.49 -1.71
C TYR A 9 -0.42 8.95 -2.44
N GLU A 10 -1.25 8.00 -2.81
CA GLU A 10 -2.43 8.32 -3.57
C GLU A 10 -3.45 7.19 -3.47
N ILE A 11 -4.71 7.54 -3.50
CA ILE A 11 -5.79 6.57 -3.47
C ILE A 11 -6.51 6.58 -4.82
N GLN A 12 -6.76 5.42 -5.36
CA GLN A 12 -7.49 5.30 -6.62
C GLN A 12 -8.71 4.46 -6.34
N GLY A 13 -9.69 5.05 -5.71
CA GLY A 13 -10.89 4.32 -5.39
C GLY A 13 -10.64 3.31 -4.30
N MET A 14 -10.49 2.06 -4.67
CA MET A 14 -10.20 0.99 -3.73
C MET A 14 -8.77 0.50 -3.86
N LYS A 15 -7.96 1.21 -4.62
CA LYS A 15 -6.54 0.90 -4.72
C LYS A 15 -5.77 2.02 -4.06
N ALA A 16 -4.58 1.74 -3.62
CA ALA A 16 -3.75 2.73 -3.00
C ALA A 16 -2.32 2.60 -3.48
N VAL A 17 -1.67 3.72 -3.61
CA VAL A 17 -0.27 3.79 -3.98
C VAL A 17 0.49 4.01 -2.71
N VAL A 18 1.28 3.07 -2.31
CA VAL A 18 2.08 3.22 -1.13
C VAL A 18 3.52 3.40 -1.47
N LEU A 19 4.08 4.43 -0.95
CA LEU A 19 5.47 4.70 -1.08
C LEU A 19 6.13 4.11 0.14
N THR A 20 6.81 3.01 -0.04
CA THR A 20 7.40 2.30 1.08
C THR A 20 8.49 3.12 1.76
N SER A 21 8.87 2.70 2.94
CA SER A 21 9.90 3.33 3.71
C SER A 21 11.27 3.32 2.99
N GLU A 22 11.40 2.46 2.00
CA GLU A 22 12.62 2.38 1.21
C GLU A 22 12.53 3.27 -0.02
N GLY A 23 11.32 3.63 -0.42
CA GLY A 23 11.17 4.49 -1.57
C GLY A 23 10.68 3.76 -2.81
N GLU A 24 9.83 2.76 -2.64
CA GLU A 24 9.23 2.05 -3.77
C GLU A 24 7.75 2.38 -3.80
N PHE A 25 7.17 2.45 -4.96
CA PHE A 25 5.74 2.69 -5.06
C PHE A 25 5.04 1.39 -5.39
N LEU A 26 4.21 0.94 -4.50
CA LEU A 26 3.47 -0.28 -4.69
C LEU A 26 1.99 0.00 -4.74
N ILE A 27 1.28 -0.71 -5.56
CA ILE A 27 -0.15 -0.58 -5.62
C ILE A 27 -0.75 -1.64 -4.74
N ILE A 28 -1.50 -1.24 -3.77
CA ILE A 28 -2.11 -2.15 -2.85
C ILE A 28 -3.60 -1.93 -2.82
N ARG A 29 -4.28 -2.82 -2.18
CA ARG A 29 -5.70 -2.70 -1.95
C ARG A 29 -5.89 -1.66 -0.88
N ARG A 30 -6.72 -0.71 -1.14
CA ARG A 30 -7.02 0.28 -0.16
C ARG A 30 -7.99 -0.31 0.81
N ARG A 31 -7.64 -0.26 2.05
CA ARG A 31 -8.52 -0.70 3.08
C ARG A 31 -9.44 0.45 3.45
N LYS A 32 -10.53 0.17 4.12
CA LYS A 32 -11.56 1.17 4.36
C LYS A 32 -11.14 2.24 5.39
N ASP A 33 -10.08 1.98 6.13
CA ASP A 33 -9.58 2.93 7.13
C ASP A 33 -8.23 3.52 6.67
N MET A 34 -7.89 3.23 5.43
CA MET A 34 -6.64 3.66 4.82
C MET A 34 -6.75 5.13 4.38
N LYS A 35 -5.93 5.97 4.95
CA LYS A 35 -5.97 7.41 4.71
C LYS A 35 -4.70 7.86 4.01
N VAL A 36 -4.81 8.94 3.23
CA VAL A 36 -3.71 9.48 2.43
C VAL A 36 -2.71 10.24 3.29
N GLY A 37 -1.44 10.12 2.99
CA GLY A 37 -0.42 10.88 3.67
C GLY A 37 0.25 10.14 4.80
N GLN A 38 -0.46 9.22 5.38
CA GLN A 38 0.06 8.50 6.53
C GLN A 38 0.77 7.21 6.10
N GLN A 39 1.63 6.74 6.96
CA GLN A 39 2.34 5.50 6.77
C GLN A 39 1.51 4.39 7.37
N VAL A 40 1.12 3.47 6.56
CA VAL A 40 0.27 2.42 6.98
C VAL A 40 1.02 1.11 6.95
N SER A 41 0.59 0.22 7.78
CA SER A 41 1.10 -1.09 7.78
C SER A 41 0.15 -1.91 6.93
N PHE A 42 0.63 -2.41 5.84
CA PHE A 42 -0.20 -3.20 4.97
C PHE A 42 0.40 -4.55 4.85
N GLU A 43 -0.27 -5.42 4.22
CA GLU A 43 0.22 -6.75 4.09
C GLU A 43 0.65 -7.02 2.67
N ASN A 44 1.38 -8.11 2.49
CA ASN A 44 1.86 -8.49 1.18
C ASN A 44 0.70 -9.05 0.40
N GLU A 45 -0.25 -9.52 1.14
CA GLU A 45 -1.51 -9.98 0.66
C GLU A 45 -2.36 -8.82 0.11
N ASP A 46 -2.03 -7.58 0.50
CA ASP A 46 -2.78 -6.40 0.03
C ASP A 46 -2.24 -5.92 -1.28
N ILE A 47 -1.07 -6.35 -1.61
CA ILE A 47 -0.41 -5.87 -2.78
C ILE A 47 -1.12 -6.36 -4.05
N TYR A 48 -1.47 -5.43 -4.91
CA TYR A 48 -2.20 -5.71 -6.15
C TYR A 48 -1.31 -6.38 -7.20
N ASN A 49 -0.04 -6.48 -6.87
CA ASN A 49 0.91 -7.18 -7.73
C ASN A 49 0.87 -8.65 -7.40
N VAL A 50 0.18 -8.97 -6.32
CA VAL A 50 -0.03 -10.31 -5.90
C VAL A 50 -1.47 -10.65 -6.15
N ARG A 51 -1.74 -11.17 -7.30
CA ARG A 51 -3.08 -11.51 -7.69
C ARG A 51 -3.06 -12.84 -8.40
N GLY A 52 -2.01 -13.60 -8.16
CA GLY A 52 -1.84 -14.88 -8.77
C GLY A 52 -1.93 -16.00 -7.76
N LYS A 53 -2.37 -15.67 -6.57
CA LYS A 53 -2.58 -16.65 -5.54
C LYS A 53 -4.06 -16.98 -5.52
N SER A 1 0.79 -12.69 9.09
CA SER A 1 0.78 -11.31 8.71
C SER A 1 2.20 -10.89 8.32
N MET A 2 2.37 -10.46 7.09
CA MET A 2 3.64 -9.98 6.59
C MET A 2 3.51 -8.51 6.30
N ASN A 3 3.74 -7.72 7.30
CA ASN A 3 3.55 -6.29 7.20
C ASN A 3 4.72 -5.55 6.61
N ARG A 4 4.40 -4.77 5.61
CA ARG A 4 5.30 -3.84 4.97
C ARG A 4 4.75 -2.45 5.28
N LEU A 5 5.58 -1.46 5.24
CA LEU A 5 5.19 -0.12 5.61
C LEU A 5 5.32 0.82 4.44
N GLY A 6 4.30 1.59 4.19
CA GLY A 6 4.37 2.56 3.15
C GLY A 6 3.47 3.72 3.41
N ILE A 7 3.79 4.83 2.81
CA ILE A 7 3.04 6.04 2.97
C ILE A 7 2.05 6.17 1.85
N ILE A 8 0.81 6.45 2.17
CA ILE A 8 -0.19 6.64 1.16
C ILE A 8 0.16 7.88 0.35
N TYR A 9 0.59 7.64 -0.84
CA TYR A 9 1.04 8.64 -1.76
C TYR A 9 -0.13 9.12 -2.60
N GLU A 10 -1.04 8.21 -2.89
CA GLU A 10 -2.18 8.49 -3.74
C GLU A 10 -3.23 7.39 -3.57
N ILE A 11 -4.42 7.65 -4.05
CA ILE A 11 -5.52 6.71 -3.97
C ILE A 11 -6.07 6.47 -5.38
N GLN A 12 -6.32 5.23 -5.69
CA GLN A 12 -6.94 4.86 -6.95
C GLN A 12 -8.21 4.11 -6.65
N GLY A 13 -9.22 4.84 -6.21
CA GLY A 13 -10.49 4.24 -5.85
C GLY A 13 -10.38 3.31 -4.66
N MET A 14 -10.34 2.01 -4.95
CA MET A 14 -10.25 0.98 -3.93
C MET A 14 -8.81 0.51 -3.78
N LYS A 15 -7.93 1.14 -4.49
CA LYS A 15 -6.53 0.84 -4.44
C LYS A 15 -5.80 2.03 -3.87
N ALA A 16 -4.67 1.80 -3.29
CA ALA A 16 -3.89 2.87 -2.74
C ALA A 16 -2.46 2.72 -3.18
N VAL A 17 -1.82 3.83 -3.40
CA VAL A 17 -0.44 3.87 -3.78
C VAL A 17 0.38 4.14 -2.54
N VAL A 18 1.19 3.21 -2.16
CA VAL A 18 2.02 3.38 -1.02
C VAL A 18 3.46 3.55 -1.43
N LEU A 19 4.07 4.55 -0.91
CA LEU A 19 5.47 4.76 -1.06
C LEU A 19 6.11 4.13 0.15
N THR A 20 6.70 2.99 -0.04
CA THR A 20 7.23 2.20 1.02
C THR A 20 8.44 2.86 1.68
N SER A 21 8.90 2.28 2.77
CA SER A 21 10.09 2.71 3.47
C SER A 21 11.32 2.47 2.60
N GLU A 22 11.14 1.66 1.57
CA GLU A 22 12.15 1.33 0.63
C GLU A 22 12.16 2.32 -0.53
N GLY A 23 11.14 3.19 -0.59
CA GLY A 23 11.07 4.15 -1.66
C GLY A 23 10.45 3.57 -2.92
N GLU A 24 9.62 2.57 -2.76
CA GLU A 24 8.97 1.94 -3.88
C GLU A 24 7.49 2.23 -3.83
N PHE A 25 6.89 2.47 -4.97
CA PHE A 25 5.47 2.74 -5.02
C PHE A 25 4.74 1.47 -5.31
N LEU A 26 4.01 1.01 -4.35
CA LEU A 26 3.26 -0.20 -4.48
C LEU A 26 1.79 0.12 -4.51
N ILE A 27 1.04 -0.68 -5.20
CA ILE A 27 -0.38 -0.54 -5.31
C ILE A 27 -0.97 -1.58 -4.40
N ILE A 28 -1.69 -1.16 -3.41
CA ILE A 28 -2.26 -2.07 -2.46
C ILE A 28 -3.75 -1.89 -2.35
N ARG A 29 -4.38 -2.84 -1.71
CA ARG A 29 -5.78 -2.79 -1.39
C ARG A 29 -6.01 -1.67 -0.42
N ARG A 30 -6.88 -0.77 -0.76
CA ARG A 30 -7.17 0.30 0.10
C ARG A 30 -8.22 -0.11 1.10
N ARG A 31 -7.95 0.14 2.33
CA ARG A 31 -8.88 -0.11 3.38
C ARG A 31 -9.46 1.26 3.76
N LYS A 32 -10.57 1.29 4.46
CA LYS A 32 -11.26 2.57 4.77
C LYS A 32 -10.45 3.52 5.66
N ASP A 33 -9.46 2.98 6.35
CA ASP A 33 -8.61 3.79 7.23
C ASP A 33 -7.54 4.54 6.43
N MET A 34 -7.32 4.12 5.21
CA MET A 34 -6.28 4.69 4.36
C MET A 34 -6.57 6.13 3.97
N LYS A 35 -5.83 7.03 4.56
CA LYS A 35 -5.87 8.43 4.22
C LYS A 35 -4.54 8.77 3.60
N VAL A 36 -4.54 9.71 2.71
CA VAL A 36 -3.34 10.09 2.02
C VAL A 36 -2.40 10.84 2.97
N GLY A 37 -1.15 10.47 2.93
CA GLY A 37 -0.16 11.14 3.75
C GLY A 37 0.30 10.30 4.91
N GLN A 38 -0.51 9.33 5.31
CA GLN A 38 -0.15 8.52 6.46
C GLN A 38 0.58 7.25 6.04
N GLN A 39 1.41 6.74 6.93
CA GLN A 39 2.13 5.51 6.73
C GLN A 39 1.27 4.36 7.24
N VAL A 40 1.01 3.41 6.39
CA VAL A 40 0.15 2.31 6.74
C VAL A 40 0.91 0.99 6.73
N SER A 41 0.50 0.09 7.57
CA SER A 41 1.02 -1.23 7.59
C SER A 41 0.10 -2.10 6.75
N PHE A 42 0.62 -2.66 5.70
CA PHE A 42 -0.15 -3.53 4.83
C PHE A 42 0.57 -4.82 4.71
N GLU A 43 -0.10 -5.80 4.21
CA GLU A 43 0.51 -7.08 4.04
C GLU A 43 0.82 -7.29 2.58
N ASN A 44 1.57 -8.35 2.26
CA ASN A 44 1.89 -8.66 0.86
C ASN A 44 0.62 -9.07 0.14
N GLU A 45 -0.30 -9.62 0.90
CA GLU A 45 -1.61 -10.01 0.41
C GLU A 45 -2.40 -8.79 -0.07
N ASP A 46 -2.06 -7.62 0.46
CA ASP A 46 -2.72 -6.37 0.06
C ASP A 46 -2.17 -5.86 -1.24
N ILE A 47 -0.98 -6.27 -1.57
CA ILE A 47 -0.31 -5.77 -2.74
C ILE A 47 -0.98 -6.27 -4.02
N TYR A 48 -1.52 -5.33 -4.76
CA TYR A 48 -2.25 -5.60 -5.99
C TYR A 48 -1.30 -5.75 -7.16
N ASN A 49 -0.04 -5.37 -6.94
CA ASN A 49 0.97 -5.48 -7.98
C ASN A 49 1.20 -6.93 -8.32
N VAL A 50 0.82 -7.31 -9.49
CA VAL A 50 1.04 -8.64 -9.96
C VAL A 50 2.10 -8.56 -11.05
N ARG A 51 3.34 -8.55 -10.63
CA ARG A 51 4.45 -8.39 -11.54
C ARG A 51 5.04 -9.75 -11.86
N GLY A 52 4.67 -10.27 -12.99
CA GLY A 52 5.15 -11.55 -13.41
C GLY A 52 4.02 -12.52 -13.56
N LYS A 53 4.34 -13.78 -13.55
CA LYS A 53 3.38 -14.83 -13.67
C LYS A 53 3.97 -16.04 -13.01
N SER A 1 1.49 -13.83 7.59
CA SER A 1 1.74 -13.00 6.43
C SER A 1 2.88 -12.03 6.73
N MET A 2 3.26 -11.21 5.75
CA MET A 2 4.34 -10.25 5.94
C MET A 2 3.78 -8.85 5.89
N ASN A 3 4.02 -8.06 6.92
CA ASN A 3 3.57 -6.69 6.95
C ASN A 3 4.62 -5.77 6.36
N ARG A 4 4.19 -4.88 5.51
CA ARG A 4 5.06 -3.91 4.91
C ARG A 4 4.53 -2.54 5.26
N LEU A 5 5.40 -1.57 5.28
CA LEU A 5 5.02 -0.21 5.62
C LEU A 5 5.19 0.70 4.43
N GLY A 6 4.20 1.53 4.19
CA GLY A 6 4.30 2.46 3.12
C GLY A 6 3.43 3.66 3.37
N ILE A 7 3.77 4.73 2.75
CA ILE A 7 3.06 5.98 2.91
C ILE A 7 2.06 6.11 1.80
N ILE A 8 0.83 6.43 2.13
CA ILE A 8 -0.18 6.63 1.13
C ILE A 8 0.15 7.86 0.32
N TYR A 9 0.61 7.62 -0.85
CA TYR A 9 1.03 8.65 -1.75
C TYR A 9 -0.18 9.17 -2.52
N GLU A 10 -1.07 8.26 -2.86
CA GLU A 10 -2.25 8.59 -3.64
C GLU A 10 -3.26 7.45 -3.53
N ILE A 11 -4.48 7.69 -3.91
CA ILE A 11 -5.54 6.70 -3.85
C ILE A 11 -6.12 6.48 -5.26
N GLN A 12 -6.37 5.24 -5.58
CA GLN A 12 -6.99 4.87 -6.83
C GLN A 12 -8.29 4.16 -6.53
N GLY A 13 -9.29 4.91 -6.14
CA GLY A 13 -10.56 4.32 -5.79
C GLY A 13 -10.46 3.46 -4.55
N MET A 14 -10.43 2.16 -4.74
CA MET A 14 -10.29 1.23 -3.64
C MET A 14 -8.89 0.62 -3.64
N LYS A 15 -7.99 1.27 -4.32
CA LYS A 15 -6.60 0.90 -4.34
C LYS A 15 -5.80 2.07 -3.78
N ALA A 16 -4.64 1.81 -3.31
CA ALA A 16 -3.81 2.85 -2.76
C ALA A 16 -2.39 2.72 -3.24
N VAL A 17 -1.76 3.83 -3.45
CA VAL A 17 -0.36 3.89 -3.84
C VAL A 17 0.45 4.10 -2.58
N VAL A 18 1.23 3.15 -2.24
CA VAL A 18 2.06 3.28 -1.07
C VAL A 18 3.51 3.45 -1.44
N LEU A 19 4.09 4.49 -0.93
CA LEU A 19 5.48 4.71 -1.06
C LEU A 19 6.10 4.04 0.13
N THR A 20 6.67 2.89 -0.10
CA THR A 20 7.19 2.08 0.96
C THR A 20 8.39 2.72 1.62
N SER A 21 8.78 2.18 2.74
CA SER A 21 9.95 2.60 3.46
C SER A 21 11.22 2.24 2.67
N GLU A 22 11.03 1.53 1.58
CA GLU A 22 12.07 1.16 0.67
C GLU A 22 12.18 2.16 -0.46
N GLY A 23 11.20 3.05 -0.57
CA GLY A 23 11.23 4.05 -1.61
C GLY A 23 10.59 3.58 -2.91
N GLU A 24 9.68 2.66 -2.81
CA GLU A 24 9.01 2.16 -3.99
C GLU A 24 7.55 2.50 -3.92
N PHE A 25 6.92 2.59 -5.05
CA PHE A 25 5.50 2.86 -5.10
C PHE A 25 4.78 1.59 -5.46
N LEU A 26 4.03 1.10 -4.54
CA LEU A 26 3.30 -0.14 -4.73
C LEU A 26 1.82 0.13 -4.69
N ILE A 27 1.08 -0.59 -5.49
CA ILE A 27 -0.36 -0.48 -5.49
C ILE A 27 -0.90 -1.55 -4.56
N ILE A 28 -1.63 -1.15 -3.58
CA ILE A 28 -2.20 -2.08 -2.61
C ILE A 28 -3.70 -1.89 -2.50
N ARG A 29 -4.34 -2.79 -1.79
CA ARG A 29 -5.74 -2.67 -1.49
C ARG A 29 -5.94 -1.51 -0.56
N ARG A 30 -6.87 -0.67 -0.84
CA ARG A 30 -7.13 0.41 0.05
C ARG A 30 -8.07 -0.05 1.13
N ARG A 31 -7.64 0.07 2.34
CA ARG A 31 -8.45 -0.29 3.45
C ARG A 31 -9.25 0.95 3.86
N LYS A 32 -10.17 0.78 4.76
CA LYS A 32 -11.15 1.82 5.06
C LYS A 32 -10.59 3.02 5.81
N ASP A 33 -9.37 2.92 6.28
CA ASP A 33 -8.79 4.02 7.04
C ASP A 33 -7.58 4.63 6.32
N MET A 34 -7.35 4.20 5.10
CA MET A 34 -6.21 4.69 4.31
C MET A 34 -6.42 6.14 3.89
N LYS A 35 -5.66 7.01 4.50
CA LYS A 35 -5.70 8.41 4.22
C LYS A 35 -4.37 8.82 3.60
N VAL A 36 -4.40 9.74 2.67
CA VAL A 36 -3.21 10.18 1.96
C VAL A 36 -2.24 10.92 2.87
N GLY A 37 -1.02 10.45 2.95
CA GLY A 37 -0.01 11.09 3.74
C GLY A 37 0.49 10.25 4.89
N GLN A 38 -0.29 9.30 5.34
CA GLN A 38 0.13 8.48 6.47
C GLN A 38 0.83 7.22 6.03
N GLN A 39 1.63 6.69 6.92
CA GLN A 39 2.32 5.46 6.70
C GLN A 39 1.45 4.34 7.24
N VAL A 40 1.07 3.46 6.38
CA VAL A 40 0.14 2.42 6.73
C VAL A 40 0.81 1.08 6.76
N SER A 41 0.32 0.24 7.61
CA SER A 41 0.76 -1.10 7.69
C SER A 41 -0.17 -1.98 6.87
N PHE A 42 0.35 -2.56 5.86
CA PHE A 42 -0.43 -3.47 5.04
C PHE A 42 0.29 -4.76 4.98
N GLU A 43 -0.32 -5.74 4.45
CA GLU A 43 0.34 -6.98 4.31
C GLU A 43 0.75 -7.14 2.89
N ASN A 44 1.64 -8.05 2.63
CA ASN A 44 2.12 -8.28 1.28
C ASN A 44 1.04 -8.97 0.45
N GLU A 45 0.03 -9.49 1.15
CA GLU A 45 -1.14 -10.08 0.52
C GLU A 45 -1.97 -8.96 -0.13
N ASP A 46 -1.90 -7.76 0.46
CA ASP A 46 -2.68 -6.60 0.01
C ASP A 46 -2.10 -5.98 -1.22
N ILE A 47 -0.90 -6.36 -1.53
CA ILE A 47 -0.21 -5.83 -2.69
C ILE A 47 -0.88 -6.31 -3.97
N TYR A 48 -1.37 -5.34 -4.74
CA TYR A 48 -2.10 -5.57 -5.97
C TYR A 48 -1.15 -5.83 -7.12
N ASN A 49 0.13 -5.60 -6.88
CA ASN A 49 1.16 -5.86 -7.88
C ASN A 49 1.08 -7.29 -8.33
N VAL A 50 1.21 -7.51 -9.59
CA VAL A 50 1.07 -8.84 -10.11
C VAL A 50 2.40 -9.54 -10.00
N ARG A 51 3.34 -9.08 -10.80
CA ARG A 51 4.66 -9.65 -10.79
C ARG A 51 5.65 -8.52 -10.56
N GLY A 52 6.03 -7.85 -11.62
CA GLY A 52 6.91 -6.72 -11.49
C GLY A 52 6.13 -5.45 -11.43
N LYS A 53 5.36 -5.32 -10.36
CA LYS A 53 4.44 -4.21 -10.14
C LYS A 53 3.26 -4.34 -11.11
N SER A 1 0.75 -12.66 5.13
CA SER A 1 2.07 -13.11 4.79
C SER A 1 3.14 -12.24 5.46
N MET A 2 3.34 -11.03 4.93
CA MET A 2 4.36 -10.12 5.44
C MET A 2 3.84 -8.70 5.45
N ASN A 3 3.82 -8.09 6.60
CA ASN A 3 3.49 -6.68 6.74
C ASN A 3 4.60 -5.84 6.13
N ARG A 4 4.23 -4.72 5.61
CA ARG A 4 5.16 -3.78 5.03
C ARG A 4 4.66 -2.39 5.35
N LEU A 5 5.55 -1.44 5.37
CA LEU A 5 5.20 -0.07 5.73
C LEU A 5 5.32 0.82 4.51
N GLY A 6 4.29 1.60 4.28
CA GLY A 6 4.34 2.53 3.19
C GLY A 6 3.42 3.69 3.42
N ILE A 7 3.74 4.76 2.78
CA ILE A 7 3.00 6.00 2.91
C ILE A 7 1.99 6.09 1.81
N ILE A 8 0.73 6.33 2.17
CA ILE A 8 -0.31 6.51 1.17
C ILE A 8 -0.01 7.75 0.36
N TYR A 9 0.52 7.51 -0.79
CA TYR A 9 0.93 8.54 -1.68
C TYR A 9 -0.24 9.00 -2.52
N GLU A 10 -1.10 8.07 -2.86
CA GLU A 10 -2.21 8.37 -3.74
C GLU A 10 -3.29 7.29 -3.57
N ILE A 11 -4.51 7.59 -3.96
CA ILE A 11 -5.62 6.66 -3.88
C ILE A 11 -6.21 6.43 -5.27
N GLN A 12 -6.45 5.19 -5.61
CA GLN A 12 -7.10 4.86 -6.86
C GLN A 12 -8.36 4.10 -6.55
N GLY A 13 -9.36 4.80 -6.07
CA GLY A 13 -10.61 4.15 -5.71
C GLY A 13 -10.41 3.15 -4.59
N MET A 14 -10.34 1.88 -4.95
CA MET A 14 -10.17 0.78 -4.00
C MET A 14 -8.71 0.40 -3.88
N LYS A 15 -7.86 1.10 -4.59
CA LYS A 15 -6.45 0.86 -4.53
C LYS A 15 -5.77 2.04 -3.87
N ALA A 16 -4.62 1.81 -3.34
CA ALA A 16 -3.84 2.84 -2.74
C ALA A 16 -2.40 2.69 -3.18
N VAL A 17 -1.75 3.79 -3.43
CA VAL A 17 -0.37 3.80 -3.80
C VAL A 17 0.43 4.05 -2.55
N VAL A 18 1.27 3.15 -2.20
CA VAL A 18 2.09 3.31 -1.05
C VAL A 18 3.52 3.52 -1.43
N LEU A 19 4.09 4.54 -0.91
CA LEU A 19 5.48 4.79 -1.05
C LEU A 19 6.12 4.17 0.17
N THR A 20 6.71 3.04 -0.03
CA THR A 20 7.27 2.27 1.06
C THR A 20 8.47 2.98 1.66
N SER A 21 8.92 2.48 2.79
CA SER A 21 10.09 3.01 3.46
C SER A 21 11.36 2.69 2.66
N GLU A 22 11.19 1.87 1.62
CA GLU A 22 12.24 1.47 0.72
C GLU A 22 12.33 2.47 -0.43
N GLY A 23 11.29 3.29 -0.58
CA GLY A 23 11.26 4.28 -1.63
C GLY A 23 10.61 3.76 -2.89
N GLU A 24 9.80 2.74 -2.76
CA GLU A 24 9.14 2.14 -3.89
C GLU A 24 7.66 2.45 -3.84
N PHE A 25 7.04 2.63 -4.99
CA PHE A 25 5.61 2.87 -5.05
C PHE A 25 4.91 1.56 -5.37
N LEU A 26 4.12 1.10 -4.46
CA LEU A 26 3.39 -0.14 -4.63
C LEU A 26 1.91 0.14 -4.62
N ILE A 27 1.16 -0.64 -5.35
CA ILE A 27 -0.28 -0.52 -5.36
C ILE A 27 -0.82 -1.56 -4.41
N ILE A 28 -1.60 -1.14 -3.45
CA ILE A 28 -2.18 -2.07 -2.49
C ILE A 28 -3.69 -1.88 -2.45
N ARG A 29 -4.36 -2.81 -1.79
CA ARG A 29 -5.77 -2.72 -1.52
C ARG A 29 -5.99 -1.60 -0.50
N ARG A 30 -6.87 -0.72 -0.82
CA ARG A 30 -7.18 0.38 0.06
C ARG A 30 -8.25 -0.03 1.05
N ARG A 31 -7.96 0.12 2.29
CA ARG A 31 -8.92 -0.12 3.33
C ARG A 31 -9.60 1.19 3.62
N LYS A 32 -10.64 1.17 4.39
CA LYS A 32 -11.38 2.38 4.71
C LYS A 32 -10.65 3.20 5.78
N ASP A 33 -9.58 2.60 6.30
CA ASP A 33 -8.73 3.24 7.30
C ASP A 33 -7.59 4.00 6.63
N MET A 34 -7.49 3.83 5.32
CA MET A 34 -6.43 4.47 4.53
C MET A 34 -6.67 5.94 4.37
N LYS A 35 -5.74 6.72 4.82
CA LYS A 35 -5.77 8.14 4.67
C LYS A 35 -4.54 8.54 3.90
N VAL A 36 -4.67 9.48 3.01
CA VAL A 36 -3.56 9.92 2.18
C VAL A 36 -2.55 10.67 3.03
N GLY A 37 -1.29 10.34 2.86
CA GLY A 37 -0.26 11.02 3.57
C GLY A 37 0.31 10.22 4.72
N GLN A 38 -0.45 9.29 5.25
CA GLN A 38 0.03 8.56 6.41
C GLN A 38 0.73 7.26 6.01
N GLN A 39 1.70 6.87 6.82
CA GLN A 39 2.38 5.61 6.64
C GLN A 39 1.55 4.54 7.29
N VAL A 40 1.17 3.57 6.53
CA VAL A 40 0.30 2.52 6.99
C VAL A 40 1.02 1.19 6.92
N SER A 41 0.50 0.24 7.64
CA SER A 41 0.99 -1.09 7.62
C SER A 41 0.04 -1.93 6.80
N PHE A 42 0.52 -2.52 5.75
CA PHE A 42 -0.28 -3.37 4.92
C PHE A 42 0.35 -4.73 4.86
N GLU A 43 -0.30 -5.66 4.26
CA GLU A 43 0.26 -6.98 4.10
C GLU A 43 0.66 -7.19 2.67
N ASN A 44 1.38 -8.26 2.45
CA ASN A 44 1.85 -8.61 1.11
C ASN A 44 0.72 -9.15 0.27
N GLU A 45 -0.28 -9.65 0.95
CA GLU A 45 -1.49 -10.13 0.30
C GLU A 45 -2.40 -8.95 -0.05
N ASP A 46 -2.05 -7.76 0.46
CA ASP A 46 -2.80 -6.54 0.16
C ASP A 46 -2.21 -5.88 -1.04
N ILE A 47 -0.97 -6.20 -1.32
CA ILE A 47 -0.27 -5.60 -2.42
C ILE A 47 -0.82 -6.13 -3.73
N TYR A 48 -1.35 -5.24 -4.55
CA TYR A 48 -1.94 -5.58 -5.84
C TYR A 48 -0.85 -5.85 -6.87
N ASN A 49 0.35 -5.50 -6.52
CA ASN A 49 1.51 -5.81 -7.33
C ASN A 49 1.81 -7.30 -7.20
N VAL A 50 1.49 -7.85 -6.04
CA VAL A 50 1.63 -9.27 -5.79
C VAL A 50 0.31 -9.96 -6.15
N ARG A 51 -0.72 -9.58 -5.44
CA ARG A 51 -2.06 -10.11 -5.61
C ARG A 51 -2.74 -9.39 -6.77
N GLY A 52 -3.02 -10.11 -7.84
CA GLY A 52 -3.67 -9.50 -8.97
C GLY A 52 -5.11 -9.19 -8.67
N LYS A 53 -5.86 -10.23 -8.35
CA LYS A 53 -7.26 -10.14 -7.99
C LYS A 53 -7.69 -11.47 -7.41
N SER A 1 -0.31 -12.21 6.28
CA SER A 1 0.96 -12.83 5.92
C SER A 1 2.17 -12.07 6.52
N MET A 2 2.66 -11.09 5.79
CA MET A 2 3.79 -10.26 6.20
C MET A 2 3.42 -8.83 5.99
N ASN A 3 3.91 -7.98 6.83
CA ASN A 3 3.61 -6.57 6.74
C ASN A 3 4.63 -5.84 5.91
N ARG A 4 4.26 -4.68 5.47
CA ARG A 4 5.10 -3.77 4.76
C ARG A 4 4.67 -2.38 5.17
N LEU A 5 5.58 -1.45 5.14
CA LEU A 5 5.30 -0.10 5.59
C LEU A 5 5.38 0.88 4.46
N GLY A 6 4.34 1.63 4.26
CA GLY A 6 4.35 2.58 3.23
C GLY A 6 3.46 3.72 3.52
N ILE A 7 3.75 4.81 2.91
CA ILE A 7 3.00 6.02 3.06
C ILE A 7 2.02 6.09 1.93
N ILE A 8 0.77 6.33 2.24
CA ILE A 8 -0.23 6.47 1.22
C ILE A 8 0.06 7.71 0.43
N TYR A 9 0.58 7.51 -0.72
CA TYR A 9 0.99 8.56 -1.58
C TYR A 9 -0.21 9.08 -2.34
N GLU A 10 -1.10 8.17 -2.68
CA GLU A 10 -2.25 8.48 -3.49
C GLU A 10 -3.25 7.34 -3.37
N ILE A 11 -4.48 7.62 -3.67
CA ILE A 11 -5.54 6.63 -3.67
C ILE A 11 -6.04 6.46 -5.10
N GLN A 12 -6.37 5.25 -5.46
CA GLN A 12 -6.89 4.95 -6.77
C GLN A 12 -8.14 4.11 -6.61
N GLY A 13 -9.23 4.77 -6.24
CA GLY A 13 -10.47 4.07 -5.99
C GLY A 13 -10.36 3.23 -4.74
N MET A 14 -10.34 1.93 -4.91
CA MET A 14 -10.18 1.02 -3.79
C MET A 14 -8.79 0.43 -3.80
N LYS A 15 -7.91 1.05 -4.54
CA LYS A 15 -6.52 0.73 -4.53
C LYS A 15 -5.79 1.90 -3.89
N ALA A 16 -4.62 1.67 -3.41
CA ALA A 16 -3.83 2.70 -2.82
C ALA A 16 -2.42 2.61 -3.34
N VAL A 17 -1.80 3.74 -3.54
CA VAL A 17 -0.43 3.82 -3.96
C VAL A 17 0.40 4.09 -2.73
N VAL A 18 1.20 3.15 -2.35
CA VAL A 18 2.03 3.31 -1.20
C VAL A 18 3.44 3.57 -1.60
N LEU A 19 4.01 4.52 -0.96
CA LEU A 19 5.38 4.79 -1.07
C LEU A 19 6.02 4.13 0.13
N THR A 20 6.64 2.99 -0.09
CA THR A 20 7.21 2.24 0.99
C THR A 20 8.43 2.95 1.55
N SER A 21 8.91 2.51 2.70
CA SER A 21 10.07 3.11 3.34
C SER A 21 11.31 3.05 2.44
N GLU A 22 11.31 2.10 1.53
CA GLU A 22 12.39 1.91 0.57
C GLU A 22 12.36 2.99 -0.51
N GLY A 23 11.22 3.62 -0.65
CA GLY A 23 11.05 4.62 -1.67
C GLY A 23 10.43 4.06 -2.92
N GLU A 24 9.69 2.97 -2.78
CA GLU A 24 9.07 2.30 -3.89
C GLU A 24 7.58 2.57 -3.87
N PHE A 25 6.98 2.68 -5.03
CA PHE A 25 5.54 2.89 -5.11
C PHE A 25 4.87 1.59 -5.48
N LEU A 26 4.12 1.07 -4.57
CA LEU A 26 3.42 -0.19 -4.78
C LEU A 26 1.94 0.07 -4.83
N ILE A 27 1.24 -0.70 -5.63
CA ILE A 27 -0.19 -0.61 -5.70
C ILE A 27 -0.76 -1.65 -4.75
N ILE A 28 -1.52 -1.22 -3.79
CA ILE A 28 -2.09 -2.14 -2.83
C ILE A 28 -3.59 -1.96 -2.75
N ARG A 29 -4.25 -2.93 -2.17
CA ARG A 29 -5.65 -2.87 -1.86
C ARG A 29 -5.86 -1.81 -0.79
N ARG A 30 -6.81 -0.95 -1.00
CA ARG A 30 -7.09 0.07 -0.05
C ARG A 30 -8.11 -0.43 0.94
N ARG A 31 -7.76 -0.35 2.19
CA ARG A 31 -8.67 -0.69 3.24
C ARG A 31 -9.25 0.62 3.76
N LYS A 32 -10.17 0.56 4.68
CA LYS A 32 -10.84 1.75 5.20
C LYS A 32 -9.90 2.64 6.01
N ASP A 33 -8.83 2.04 6.52
CA ASP A 33 -7.89 2.80 7.34
C ASP A 33 -6.77 3.42 6.50
N MET A 34 -6.89 3.34 5.20
CA MET A 34 -5.92 3.95 4.31
C MET A 34 -6.31 5.37 4.02
N LYS A 35 -5.51 6.31 4.48
CA LYS A 35 -5.72 7.71 4.27
C LYS A 35 -4.47 8.28 3.64
N VAL A 36 -4.61 9.21 2.74
CA VAL A 36 -3.48 9.79 2.03
C VAL A 36 -2.58 10.56 2.97
N GLY A 37 -1.30 10.30 2.90
CA GLY A 37 -0.33 11.04 3.66
C GLY A 37 0.23 10.27 4.83
N GLN A 38 -0.52 9.34 5.35
CA GLN A 38 -0.06 8.60 6.52
C GLN A 38 0.65 7.30 6.12
N GLN A 39 1.47 6.81 7.02
CA GLN A 39 2.18 5.57 6.82
C GLN A 39 1.39 4.44 7.43
N VAL A 40 1.05 3.49 6.62
CA VAL A 40 0.22 2.42 7.04
C VAL A 40 0.99 1.11 6.99
N SER A 41 0.53 0.17 7.77
CA SER A 41 1.08 -1.14 7.76
C SER A 41 0.11 -1.99 6.98
N PHE A 42 0.55 -2.51 5.89
CA PHE A 42 -0.28 -3.34 5.07
C PHE A 42 0.37 -4.66 4.96
N GLU A 43 -0.28 -5.59 4.36
CA GLU A 43 0.27 -6.88 4.23
C GLU A 43 0.64 -7.15 2.82
N ASN A 44 1.39 -8.22 2.62
CA ASN A 44 1.78 -8.65 1.28
C ASN A 44 0.56 -9.12 0.51
N GLU A 45 -0.46 -9.49 1.27
CA GLU A 45 -1.74 -9.92 0.72
C GLU A 45 -2.54 -8.73 0.22
N ASP A 46 -2.14 -7.52 0.62
CA ASP A 46 -2.81 -6.32 0.16
C ASP A 46 -2.16 -5.83 -1.10
N ILE A 47 -0.95 -6.27 -1.33
CA ILE A 47 -0.20 -5.77 -2.45
C ILE A 47 -0.67 -6.39 -3.77
N TYR A 48 -1.10 -5.52 -4.67
CA TYR A 48 -1.51 -5.90 -6.00
C TYR A 48 -0.26 -6.18 -6.82
N ASN A 49 0.82 -5.56 -6.43
CA ASN A 49 2.12 -5.79 -7.03
C ASN A 49 2.67 -7.11 -6.53
N VAL A 50 3.46 -7.73 -7.34
CA VAL A 50 4.10 -8.96 -6.92
C VAL A 50 5.45 -8.60 -6.36
N ARG A 51 6.24 -7.95 -7.19
CA ARG A 51 7.59 -7.50 -6.88
C ARG A 51 8.17 -6.90 -8.13
N GLY A 52 8.23 -5.59 -8.18
CA GLY A 52 8.69 -4.89 -9.35
C GLY A 52 7.51 -4.36 -10.11
N LYS A 53 6.45 -5.11 -10.06
CA LYS A 53 5.19 -4.83 -10.63
C LYS A 53 4.31 -5.88 -10.01
N SER A 1 2.31 -12.29 3.63
CA SER A 1 3.05 -12.85 4.74
C SER A 1 4.25 -11.97 5.11
N MET A 2 4.15 -10.67 4.78
CA MET A 2 5.20 -9.71 5.00
C MET A 2 4.57 -8.33 5.18
N ASN A 3 4.33 -7.95 6.41
CA ASN A 3 3.86 -6.60 6.74
C ASN A 3 4.83 -5.57 6.21
N ARG A 4 4.34 -4.70 5.40
CA ARG A 4 5.12 -3.67 4.80
C ARG A 4 4.61 -2.34 5.27
N LEU A 5 5.47 -1.37 5.29
CA LEU A 5 5.12 -0.05 5.73
C LEU A 5 5.27 0.89 4.56
N GLY A 6 4.27 1.69 4.31
CA GLY A 6 4.35 2.63 3.24
C GLY A 6 3.48 3.80 3.46
N ILE A 7 3.83 4.89 2.84
CA ILE A 7 3.10 6.11 2.98
C ILE A 7 2.11 6.19 1.84
N ILE A 8 0.86 6.44 2.16
CA ILE A 8 -0.15 6.59 1.14
C ILE A 8 0.15 7.82 0.33
N TYR A 9 0.60 7.57 -0.84
CA TYR A 9 1.00 8.58 -1.74
C TYR A 9 -0.21 9.13 -2.46
N GLU A 10 -1.10 8.24 -2.83
CA GLU A 10 -2.30 8.60 -3.58
C GLU A 10 -3.27 7.43 -3.53
N ILE A 11 -4.52 7.69 -3.80
CA ILE A 11 -5.55 6.68 -3.79
C ILE A 11 -6.10 6.47 -5.20
N GLN A 12 -6.35 5.24 -5.55
CA GLN A 12 -6.90 4.91 -6.83
C GLN A 12 -8.17 4.09 -6.63
N GLY A 13 -9.23 4.77 -6.22
CA GLY A 13 -10.48 4.10 -5.96
C GLY A 13 -10.40 3.23 -4.73
N MET A 14 -10.33 1.94 -4.93
CA MET A 14 -10.19 0.99 -3.85
C MET A 14 -8.77 0.50 -3.75
N LYS A 15 -7.90 1.11 -4.51
CA LYS A 15 -6.50 0.81 -4.45
C LYS A 15 -5.78 1.99 -3.84
N ALA A 16 -4.64 1.76 -3.34
CA ALA A 16 -3.84 2.79 -2.76
C ALA A 16 -2.41 2.66 -3.22
N VAL A 17 -1.79 3.77 -3.46
CA VAL A 17 -0.42 3.82 -3.85
C VAL A 17 0.40 4.08 -2.62
N VAL A 18 1.21 3.13 -2.24
CA VAL A 18 2.05 3.31 -1.10
C VAL A 18 3.47 3.51 -1.51
N LEU A 19 4.06 4.51 -0.97
CA LEU A 19 5.44 4.74 -1.13
C LEU A 19 6.08 4.14 0.09
N THR A 20 6.66 2.99 -0.08
CA THR A 20 7.21 2.25 1.02
C THR A 20 8.39 2.97 1.63
N SER A 21 8.83 2.51 2.77
CA SER A 21 9.98 3.06 3.44
C SER A 21 11.26 2.81 2.61
N GLU A 22 11.14 1.92 1.64
CA GLU A 22 12.19 1.57 0.73
C GLU A 22 12.23 2.53 -0.46
N GLY A 23 11.21 3.38 -0.57
CA GLY A 23 11.14 4.35 -1.64
C GLY A 23 10.51 3.81 -2.89
N GLU A 24 9.71 2.77 -2.75
CA GLU A 24 9.07 2.14 -3.88
C GLU A 24 7.58 2.40 -3.85
N PHE A 25 6.98 2.56 -5.00
CA PHE A 25 5.54 2.78 -5.08
C PHE A 25 4.85 1.48 -5.38
N LEU A 26 4.11 1.00 -4.45
CA LEU A 26 3.40 -0.24 -4.59
C LEU A 26 1.93 0.06 -4.69
N ILE A 27 1.21 -0.73 -5.43
CA ILE A 27 -0.21 -0.59 -5.52
C ILE A 27 -0.80 -1.61 -4.59
N ILE A 28 -1.55 -1.18 -3.63
CA ILE A 28 -2.15 -2.07 -2.67
C ILE A 28 -3.65 -1.88 -2.63
N ARG A 29 -4.30 -2.76 -1.93
CA ARG A 29 -5.71 -2.69 -1.67
C ARG A 29 -5.93 -1.65 -0.61
N ARG A 30 -6.87 -0.79 -0.82
CA ARG A 30 -7.12 0.25 0.12
C ARG A 30 -8.14 -0.20 1.15
N ARG A 31 -7.77 -0.07 2.39
CA ARG A 31 -8.66 -0.35 3.50
C ARG A 31 -9.09 1.00 4.07
N LYS A 32 -9.84 0.98 5.16
CA LYS A 32 -10.28 2.20 5.83
C LYS A 32 -9.12 2.85 6.58
N ASP A 33 -8.03 2.10 6.69
CA ASP A 33 -6.79 2.55 7.36
C ASP A 33 -5.97 3.43 6.44
N MET A 34 -6.31 3.45 5.18
CA MET A 34 -5.55 4.16 4.21
C MET A 34 -6.09 5.54 3.95
N LYS A 35 -5.33 6.52 4.33
CA LYS A 35 -5.60 7.89 4.12
C LYS A 35 -4.32 8.51 3.57
N VAL A 36 -4.44 9.46 2.69
CA VAL A 36 -3.27 10.00 2.00
C VAL A 36 -2.38 10.80 2.94
N GLY A 37 -1.10 10.46 2.94
CA GLY A 37 -0.14 11.18 3.72
C GLY A 37 0.41 10.36 4.85
N GLN A 38 -0.37 9.42 5.36
CA GLN A 38 0.07 8.64 6.49
C GLN A 38 0.73 7.35 6.06
N GLN A 39 1.55 6.82 6.93
CA GLN A 39 2.21 5.56 6.72
C GLN A 39 1.31 4.48 7.25
N VAL A 40 1.03 3.52 6.44
CA VAL A 40 0.14 2.44 6.82
C VAL A 40 0.88 1.13 6.88
N SER A 41 0.27 0.19 7.54
CA SER A 41 0.80 -1.13 7.66
C SER A 41 -0.11 -2.08 6.91
N PHE A 42 0.43 -2.78 5.97
CA PHE A 42 -0.34 -3.69 5.16
C PHE A 42 0.42 -4.96 5.00
N GLU A 43 -0.22 -5.94 4.48
CA GLU A 43 0.42 -7.19 4.25
C GLU A 43 0.75 -7.34 2.80
N ASN A 44 1.41 -8.41 2.48
CA ASN A 44 1.78 -8.69 1.11
C ASN A 44 0.56 -9.08 0.30
N GLU A 45 -0.42 -9.66 0.98
CA GLU A 45 -1.67 -10.01 0.36
C GLU A 45 -2.49 -8.77 0.03
N ASP A 46 -2.14 -7.64 0.65
CA ASP A 46 -2.81 -6.38 0.36
C ASP A 46 -2.22 -5.78 -0.86
N ILE A 47 -1.03 -6.19 -1.22
CA ILE A 47 -0.39 -5.66 -2.37
C ILE A 47 -1.04 -6.23 -3.60
N TYR A 48 -1.41 -5.37 -4.50
CA TYR A 48 -2.04 -5.73 -5.74
C TYR A 48 -1.01 -6.37 -6.64
N ASN A 49 0.20 -5.88 -6.53
CA ASN A 49 1.30 -6.36 -7.36
C ASN A 49 1.81 -7.70 -6.88
N VAL A 50 2.18 -7.74 -5.59
CA VAL A 50 2.93 -8.84 -5.00
C VAL A 50 4.18 -9.03 -5.86
N ARG A 51 4.99 -7.99 -5.89
CA ARG A 51 6.09 -7.91 -6.80
C ARG A 51 7.35 -8.54 -6.26
N GLY A 52 8.08 -9.09 -7.19
CA GLY A 52 9.34 -9.75 -7.00
C GLY A 52 9.76 -10.15 -8.37
N LYS A 53 8.77 -10.60 -9.09
CA LYS A 53 8.80 -10.86 -10.48
C LYS A 53 7.42 -10.50 -10.99
N SER A 1 2.18 -12.18 9.30
CA SER A 1 1.91 -11.67 8.00
C SER A 1 3.12 -10.92 7.50
N MET A 2 3.29 -10.79 6.20
CA MET A 2 4.40 -10.04 5.70
C MET A 2 3.98 -8.59 5.58
N ASN A 3 4.13 -7.90 6.66
CA ASN A 3 3.76 -6.51 6.74
C ASN A 3 4.84 -5.61 6.25
N ARG A 4 4.48 -4.76 5.35
CA ARG A 4 5.36 -3.77 4.80
C ARG A 4 4.82 -2.41 5.19
N LEU A 5 5.67 -1.42 5.26
CA LEU A 5 5.29 -0.09 5.66
C LEU A 5 5.36 0.84 4.47
N GLY A 6 4.34 1.64 4.28
CA GLY A 6 4.34 2.58 3.21
C GLY A 6 3.47 3.75 3.49
N ILE A 7 3.76 4.83 2.86
CA ILE A 7 3.05 6.07 3.02
C ILE A 7 2.04 6.18 1.91
N ILE A 8 0.80 6.45 2.26
CA ILE A 8 -0.23 6.63 1.27
C ILE A 8 0.09 7.87 0.45
N TYR A 9 0.54 7.65 -0.74
CA TYR A 9 0.96 8.69 -1.62
C TYR A 9 -0.21 9.15 -2.44
N GLU A 10 -1.08 8.22 -2.77
CA GLU A 10 -2.20 8.50 -3.63
C GLU A 10 -3.21 7.35 -3.52
N ILE A 11 -4.39 7.56 -4.05
CA ILE A 11 -5.45 6.58 -4.03
C ILE A 11 -5.92 6.30 -5.45
N GLN A 12 -6.22 5.06 -5.73
CA GLN A 12 -6.70 4.64 -7.03
C GLN A 12 -7.96 3.81 -6.88
N GLY A 13 -9.06 4.45 -6.57
CA GLY A 13 -10.32 3.76 -6.37
C GLY A 13 -10.29 2.94 -5.12
N MET A 14 -10.29 1.64 -5.27
CA MET A 14 -10.22 0.74 -4.13
C MET A 14 -8.81 0.26 -3.91
N LYS A 15 -7.91 0.89 -4.62
CA LYS A 15 -6.49 0.62 -4.50
C LYS A 15 -5.83 1.87 -3.95
N ALA A 16 -4.67 1.71 -3.40
CA ALA A 16 -3.93 2.80 -2.85
C ALA A 16 -2.49 2.69 -3.30
N VAL A 17 -1.85 3.82 -3.43
CA VAL A 17 -0.45 3.88 -3.81
C VAL A 17 0.34 4.17 -2.57
N VAL A 18 1.18 3.25 -2.18
CA VAL A 18 2.00 3.43 -1.02
C VAL A 18 3.44 3.62 -1.41
N LEU A 19 4.02 4.66 -0.91
CA LEU A 19 5.42 4.88 -1.05
C LEU A 19 6.04 4.23 0.14
N THR A 20 6.59 3.08 -0.07
CA THR A 20 7.12 2.26 0.98
C THR A 20 8.33 2.90 1.66
N SER A 21 8.72 2.36 2.79
CA SER A 21 9.90 2.79 3.51
C SER A 21 11.17 2.38 2.73
N GLU A 22 10.96 1.64 1.66
CA GLU A 22 12.00 1.16 0.80
C GLU A 22 12.11 2.07 -0.42
N GLY A 23 11.23 3.08 -0.48
CA GLY A 23 11.27 4.05 -1.55
C GLY A 23 10.57 3.60 -2.83
N GLU A 24 9.70 2.63 -2.75
CA GLU A 24 8.98 2.14 -3.93
C GLU A 24 7.49 2.41 -3.82
N PHE A 25 6.86 2.68 -4.94
CA PHE A 25 5.43 2.93 -4.97
C PHE A 25 4.71 1.64 -5.27
N LEU A 26 3.98 1.15 -4.33
CA LEU A 26 3.26 -0.08 -4.50
C LEU A 26 1.79 0.19 -4.55
N ILE A 27 1.11 -0.52 -5.39
CA ILE A 27 -0.32 -0.45 -5.48
C ILE A 27 -0.86 -1.55 -4.58
N ILE A 28 -1.59 -1.16 -3.58
CA ILE A 28 -2.16 -2.10 -2.63
C ILE A 28 -3.66 -1.88 -2.54
N ARG A 29 -4.33 -2.78 -1.87
CA ARG A 29 -5.74 -2.65 -1.55
C ARG A 29 -5.95 -1.49 -0.60
N ARG A 30 -6.85 -0.61 -0.93
CA ARG A 30 -7.15 0.49 -0.08
C ARG A 30 -8.15 0.05 0.96
N ARG A 31 -7.81 0.25 2.21
CA ARG A 31 -8.74 0.00 3.27
C ARG A 31 -9.47 1.31 3.55
N LYS A 32 -10.57 1.26 4.28
CA LYS A 32 -11.45 2.44 4.48
C LYS A 32 -10.74 3.57 5.22
N ASP A 33 -9.83 3.24 6.09
CA ASP A 33 -9.14 4.24 6.92
C ASP A 33 -7.92 4.84 6.20
N MET A 34 -7.67 4.39 4.97
CA MET A 34 -6.53 4.86 4.18
C MET A 34 -6.65 6.34 3.84
N LYS A 35 -5.84 7.13 4.49
CA LYS A 35 -5.79 8.53 4.29
C LYS A 35 -4.47 8.88 3.68
N VAL A 36 -4.46 9.81 2.77
CA VAL A 36 -3.27 10.16 2.05
C VAL A 36 -2.31 10.95 2.95
N GLY A 37 -1.07 10.54 2.98
CA GLY A 37 -0.05 11.24 3.73
C GLY A 37 0.49 10.44 4.90
N GLN A 38 -0.27 9.50 5.38
CA GLN A 38 0.16 8.71 6.53
C GLN A 38 0.86 7.42 6.12
N GLN A 39 1.73 6.93 6.98
CA GLN A 39 2.39 5.66 6.78
C GLN A 39 1.53 4.57 7.41
N VAL A 40 1.22 3.59 6.63
CA VAL A 40 0.35 2.52 7.05
C VAL A 40 1.09 1.20 7.00
N SER A 41 0.54 0.21 7.66
CA SER A 41 1.09 -1.12 7.65
C SER A 41 0.14 -2.00 6.87
N PHE A 42 0.64 -2.67 5.88
CA PHE A 42 -0.18 -3.53 5.06
C PHE A 42 0.50 -4.84 4.90
N GLU A 43 -0.23 -5.80 4.46
CA GLU A 43 0.29 -7.12 4.29
C GLU A 43 0.56 -7.37 2.82
N ASN A 44 1.25 -8.46 2.52
CA ASN A 44 1.61 -8.80 1.14
C ASN A 44 0.41 -9.28 0.36
N GLU A 45 -0.61 -9.74 1.08
CA GLU A 45 -1.87 -10.17 0.49
C GLU A 45 -2.55 -9.01 -0.21
N ASP A 46 -2.40 -7.85 0.38
CA ASP A 46 -3.07 -6.65 -0.12
C ASP A 46 -2.31 -6.01 -1.26
N ILE A 47 -1.12 -6.49 -1.53
CA ILE A 47 -0.32 -5.94 -2.58
C ILE A 47 -0.84 -6.39 -3.92
N TYR A 48 -1.24 -5.44 -4.73
CA TYR A 48 -1.75 -5.68 -6.04
C TYR A 48 -0.61 -5.82 -7.03
N ASN A 49 0.57 -5.37 -6.62
CA ASN A 49 1.77 -5.40 -7.48
C ASN A 49 2.48 -6.74 -7.46
N VAL A 50 1.81 -7.77 -7.01
CA VAL A 50 2.38 -9.11 -7.03
C VAL A 50 2.21 -9.68 -8.43
N ARG A 51 3.27 -9.67 -9.18
CA ARG A 51 3.24 -10.12 -10.57
C ARG A 51 3.50 -11.60 -10.66
N GLY A 52 2.90 -12.24 -11.62
CA GLY A 52 3.11 -13.63 -11.83
C GLY A 52 3.91 -13.84 -13.09
N LYS A 53 5.21 -13.80 -12.96
CA LYS A 53 6.12 -14.03 -14.07
C LYS A 53 7.34 -14.77 -13.54
N SER A 1 1.91 -12.45 5.25
CA SER A 1 2.84 -12.84 6.27
C SER A 1 3.92 -11.77 6.47
N MET A 2 3.89 -10.72 5.64
CA MET A 2 4.93 -9.73 5.66
C MET A 2 4.35 -8.35 5.60
N ASN A 3 3.95 -7.84 6.75
CA ASN A 3 3.50 -6.47 6.87
C ASN A 3 4.61 -5.52 6.46
N ARG A 4 4.30 -4.65 5.55
CA ARG A 4 5.23 -3.69 5.06
C ARG A 4 4.66 -2.32 5.37
N LEU A 5 5.52 -1.35 5.46
CA LEU A 5 5.11 -0.01 5.77
C LEU A 5 5.21 0.84 4.55
N GLY A 6 4.19 1.60 4.27
CA GLY A 6 4.23 2.49 3.16
C GLY A 6 3.39 3.69 3.41
N ILE A 7 3.71 4.74 2.76
CA ILE A 7 3.03 5.99 2.93
C ILE A 7 2.06 6.16 1.81
N ILE A 8 0.82 6.48 2.14
CA ILE A 8 -0.19 6.70 1.15
C ILE A 8 0.15 7.93 0.33
N TYR A 9 0.59 7.69 -0.85
CA TYR A 9 0.98 8.71 -1.76
C TYR A 9 -0.22 9.22 -2.51
N GLU A 10 -1.10 8.29 -2.83
CA GLU A 10 -2.28 8.56 -3.61
C GLU A 10 -3.26 7.40 -3.42
N ILE A 11 -4.51 7.66 -3.67
CA ILE A 11 -5.56 6.66 -3.60
C ILE A 11 -6.08 6.44 -5.01
N GLN A 12 -6.29 5.21 -5.35
CA GLN A 12 -6.79 4.85 -6.66
C GLN A 12 -8.06 4.04 -6.48
N GLY A 13 -9.13 4.73 -6.14
CA GLY A 13 -10.40 4.08 -5.90
C GLY A 13 -10.35 3.27 -4.62
N MET A 14 -10.38 1.97 -4.75
CA MET A 14 -10.27 1.09 -3.61
C MET A 14 -8.89 0.47 -3.56
N LYS A 15 -7.97 1.08 -4.27
CA LYS A 15 -6.58 0.71 -4.25
C LYS A 15 -5.79 1.91 -3.73
N ALA A 16 -4.60 1.71 -3.30
CA ALA A 16 -3.80 2.79 -2.78
C ALA A 16 -2.38 2.69 -3.29
N VAL A 17 -1.78 3.83 -3.50
CA VAL A 17 -0.38 3.91 -3.90
C VAL A 17 0.44 4.17 -2.66
N VAL A 18 1.27 3.24 -2.31
CA VAL A 18 2.11 3.41 -1.16
C VAL A 18 3.55 3.60 -1.53
N LEU A 19 4.14 4.60 -0.97
CA LEU A 19 5.55 4.80 -1.06
C LEU A 19 6.12 4.07 0.12
N THR A 20 6.65 2.92 -0.14
CA THR A 20 7.10 2.04 0.90
C THR A 20 8.40 2.50 1.55
N SER A 21 8.81 1.78 2.58
CA SER A 21 10.07 1.97 3.27
C SER A 21 11.24 1.63 2.33
N GLU A 22 10.89 1.02 1.22
CA GLU A 22 11.83 0.61 0.22
C GLU A 22 12.02 1.74 -0.80
N GLY A 23 11.18 2.76 -0.72
CA GLY A 23 11.23 3.86 -1.67
C GLY A 23 10.55 3.48 -2.97
N GLU A 24 9.79 2.42 -2.92
CA GLU A 24 9.08 1.88 -4.06
C GLU A 24 7.61 2.23 -3.94
N PHE A 25 6.99 2.55 -5.04
CA PHE A 25 5.56 2.85 -5.05
C PHE A 25 4.80 1.60 -5.44
N LEU A 26 4.05 1.09 -4.51
CA LEU A 26 3.31 -0.13 -4.71
C LEU A 26 1.83 0.17 -4.79
N ILE A 27 1.13 -0.65 -5.53
CA ILE A 27 -0.30 -0.55 -5.62
C ILE A 27 -0.86 -1.61 -4.72
N ILE A 28 -1.52 -1.20 -3.69
CA ILE A 28 -2.06 -2.13 -2.74
C ILE A 28 -3.55 -1.92 -2.60
N ARG A 29 -4.18 -2.83 -1.92
CA ARG A 29 -5.58 -2.71 -1.58
C ARG A 29 -5.73 -1.57 -0.59
N ARG A 30 -6.69 -0.74 -0.82
CA ARG A 30 -6.96 0.32 0.08
C ARG A 30 -7.85 -0.19 1.18
N ARG A 31 -7.43 0.08 2.38
CA ARG A 31 -8.16 -0.30 3.55
C ARG A 31 -8.87 0.95 4.05
N LYS A 32 -9.54 0.86 5.17
CA LYS A 32 -10.31 1.99 5.65
C LYS A 32 -9.42 3.08 6.23
N ASP A 33 -8.31 2.69 6.83
CA ASP A 33 -7.37 3.62 7.47
C ASP A 33 -6.40 4.26 6.45
N MET A 34 -6.68 4.08 5.19
CA MET A 34 -5.85 4.67 4.15
C MET A 34 -6.14 6.15 4.03
N LYS A 35 -5.23 6.96 4.48
CA LYS A 35 -5.36 8.38 4.40
C LYS A 35 -4.13 8.92 3.72
N VAL A 36 -4.31 9.78 2.75
CA VAL A 36 -3.18 10.30 2.00
C VAL A 36 -2.22 11.07 2.91
N GLY A 37 -0.98 10.63 2.95
CA GLY A 37 0.01 11.29 3.74
C GLY A 37 0.53 10.45 4.89
N GLN A 38 -0.27 9.56 5.39
CA GLN A 38 0.15 8.72 6.48
C GLN A 38 0.72 7.38 6.06
N GLN A 39 1.46 6.78 6.93
CA GLN A 39 2.08 5.52 6.69
C GLN A 39 1.22 4.40 7.24
N VAL A 40 0.92 3.47 6.40
CA VAL A 40 0.07 2.36 6.77
C VAL A 40 0.86 1.07 6.81
N SER A 41 0.40 0.17 7.61
CA SER A 41 0.94 -1.13 7.65
C SER A 41 0.03 -2.02 6.82
N PHE A 42 0.57 -2.55 5.75
CA PHE A 42 -0.19 -3.41 4.88
C PHE A 42 0.48 -4.74 4.82
N GLU A 43 -0.14 -5.67 4.21
CA GLU A 43 0.44 -6.99 4.10
C GLU A 43 0.80 -7.31 2.69
N ASN A 44 1.41 -8.46 2.52
CA ASN A 44 1.82 -8.94 1.21
C ASN A 44 0.60 -9.38 0.43
N GLU A 45 -0.45 -9.68 1.16
CA GLU A 45 -1.71 -10.07 0.60
C GLU A 45 -2.41 -8.87 -0.02
N ASP A 46 -2.12 -7.70 0.53
CA ASP A 46 -2.76 -6.46 0.08
C ASP A 46 -2.11 -5.92 -1.15
N ILE A 47 -0.97 -6.45 -1.50
CA ILE A 47 -0.27 -5.96 -2.63
C ILE A 47 -0.93 -6.46 -3.92
N TYR A 48 -1.31 -5.51 -4.75
CA TYR A 48 -1.91 -5.79 -6.04
C TYR A 48 -0.84 -6.11 -7.04
N ASN A 49 0.37 -5.65 -6.75
CA ASN A 49 1.54 -6.04 -7.51
C ASN A 49 1.78 -7.49 -7.15
N VAL A 50 2.01 -8.30 -8.12
CA VAL A 50 2.03 -9.74 -7.91
C VAL A 50 3.26 -10.22 -7.12
N ARG A 51 3.09 -10.32 -5.83
CA ARG A 51 4.11 -10.88 -4.95
C ARG A 51 3.64 -12.25 -4.45
N GLY A 52 2.51 -12.67 -4.93
CA GLY A 52 2.01 -13.97 -4.60
C GLY A 52 1.66 -14.70 -5.86
N LYS A 53 0.83 -15.70 -5.75
CA LYS A 53 0.34 -16.41 -6.90
C LYS A 53 -1.15 -16.61 -6.69
N SER A 1 1.46 -13.62 5.24
CA SER A 1 2.63 -13.14 4.53
C SER A 1 3.21 -11.91 5.24
N MET A 2 4.34 -11.40 4.74
CA MET A 2 5.08 -10.27 5.35
C MET A 2 4.24 -9.02 5.48
N ASN A 3 4.59 -8.21 6.43
CA ASN A 3 4.03 -6.90 6.60
C ASN A 3 4.90 -5.91 5.90
N ARG A 4 4.32 -4.85 5.47
CA ARG A 4 5.04 -3.79 4.84
C ARG A 4 4.49 -2.48 5.32
N LEU A 5 5.29 -1.47 5.24
CA LEU A 5 4.91 -0.15 5.67
C LEU A 5 5.08 0.78 4.52
N GLY A 6 4.09 1.59 4.27
CA GLY A 6 4.20 2.54 3.21
C GLY A 6 3.35 3.72 3.44
N ILE A 7 3.72 4.80 2.84
CA ILE A 7 3.02 6.03 2.98
C ILE A 7 2.07 6.17 1.83
N ILE A 8 0.83 6.47 2.12
CA ILE A 8 -0.15 6.66 1.09
C ILE A 8 0.22 7.89 0.31
N TYR A 9 0.66 7.66 -0.88
CA TYR A 9 1.12 8.68 -1.76
C TYR A 9 -0.06 9.19 -2.57
N GLU A 10 -0.97 8.30 -2.88
CA GLU A 10 -2.09 8.59 -3.74
C GLU A 10 -3.13 7.47 -3.58
N ILE A 11 -4.39 7.77 -3.84
CA ILE A 11 -5.47 6.79 -3.74
C ILE A 11 -6.12 6.64 -5.12
N GLN A 12 -6.55 5.43 -5.44
CA GLN A 12 -7.28 5.16 -6.66
C GLN A 12 -8.50 4.32 -6.35
N GLY A 13 -9.51 4.95 -5.78
CA GLY A 13 -10.72 4.26 -5.42
C GLY A 13 -10.49 3.29 -4.30
N MET A 14 -10.42 2.02 -4.63
CA MET A 14 -10.15 1.00 -3.66
C MET A 14 -8.72 0.48 -3.79
N LYS A 15 -7.91 1.23 -4.51
CA LYS A 15 -6.49 0.95 -4.62
C LYS A 15 -5.74 2.08 -3.95
N ALA A 16 -4.59 1.81 -3.47
CA ALA A 16 -3.79 2.82 -2.86
C ALA A 16 -2.36 2.69 -3.32
N VAL A 17 -1.73 3.81 -3.55
CA VAL A 17 -0.35 3.86 -3.92
C VAL A 17 0.45 4.11 -2.67
N VAL A 18 1.21 3.16 -2.28
CA VAL A 18 2.02 3.30 -1.11
C VAL A 18 3.46 3.49 -1.49
N LEU A 19 4.04 4.50 -0.94
CA LEU A 19 5.44 4.70 -1.06
C LEU A 19 6.01 4.07 0.18
N THR A 20 6.54 2.90 0.03
CA THR A 20 7.01 2.11 1.14
C THR A 20 8.16 2.78 1.87
N SER A 21 8.48 2.26 3.03
CA SER A 21 9.59 2.75 3.81
C SER A 21 10.92 2.47 3.09
N GLU A 22 10.84 1.60 2.08
CA GLU A 22 11.93 1.22 1.24
C GLU A 22 12.00 2.14 0.00
N GLY A 23 11.05 3.08 -0.06
CA GLY A 23 11.02 4.07 -1.12
C GLY A 23 10.48 3.55 -2.43
N GLU A 24 9.59 2.59 -2.39
CA GLU A 24 9.02 2.06 -3.60
C GLU A 24 7.53 2.34 -3.65
N PHE A 25 6.99 2.52 -4.83
CA PHE A 25 5.56 2.74 -4.98
C PHE A 25 4.90 1.43 -5.35
N LEU A 26 4.02 0.99 -4.51
CA LEU A 26 3.31 -0.24 -4.74
C LEU A 26 1.83 0.03 -4.78
N ILE A 27 1.13 -0.74 -5.56
CA ILE A 27 -0.31 -0.64 -5.63
C ILE A 27 -0.91 -1.67 -4.71
N ILE A 28 -1.58 -1.22 -3.70
CA ILE A 28 -2.17 -2.11 -2.74
C ILE A 28 -3.68 -1.94 -2.70
N ARG A 29 -4.33 -2.90 -2.13
CA ARG A 29 -5.73 -2.84 -1.89
C ARG A 29 -5.97 -1.87 -0.75
N ARG A 30 -6.73 -0.86 -1.02
CA ARG A 30 -6.98 0.18 -0.06
C ARG A 30 -7.94 -0.32 1.02
N ARG A 31 -7.57 -0.09 2.25
CA ARG A 31 -8.42 -0.38 3.38
C ARG A 31 -9.12 0.92 3.76
N LYS A 32 -9.98 0.89 4.76
CA LYS A 32 -10.76 2.06 5.12
C LYS A 32 -9.88 3.22 5.61
N ASP A 33 -8.91 2.91 6.43
CA ASP A 33 -8.05 3.94 7.05
C ASP A 33 -6.91 4.38 6.13
N MET A 34 -7.03 4.16 4.84
CA MET A 34 -6.00 4.64 3.96
C MET A 34 -6.25 6.09 3.63
N LYS A 35 -5.46 6.93 4.22
CA LYS A 35 -5.53 8.35 4.08
C LYS A 35 -4.22 8.82 3.48
N VAL A 36 -4.28 9.71 2.52
CA VAL A 36 -3.10 10.18 1.82
C VAL A 36 -2.20 10.98 2.75
N GLY A 37 -0.95 10.57 2.85
CA GLY A 37 -0.01 11.26 3.66
C GLY A 37 0.51 10.44 4.81
N GLN A 38 -0.29 9.52 5.32
CA GLN A 38 0.12 8.72 6.46
C GLN A 38 0.75 7.40 6.04
N GLN A 39 1.59 6.86 6.90
CA GLN A 39 2.19 5.57 6.67
C GLN A 39 1.27 4.50 7.23
N VAL A 40 0.93 3.57 6.39
CA VAL A 40 0.03 2.52 6.75
C VAL A 40 0.77 1.20 6.81
N SER A 41 0.26 0.32 7.62
CA SER A 41 0.80 -0.99 7.77
C SER A 41 -0.10 -1.96 7.01
N PHE A 42 0.48 -2.73 6.14
CA PHE A 42 -0.27 -3.68 5.35
C PHE A 42 0.52 -4.95 5.23
N GLU A 43 -0.03 -5.91 4.54
CA GLU A 43 0.66 -7.14 4.29
C GLU A 43 0.93 -7.26 2.82
N ASN A 44 1.76 -8.21 2.47
CA ASN A 44 2.05 -8.50 1.07
C ASN A 44 0.80 -9.02 0.36
N GLU A 45 -0.15 -9.47 1.17
CA GLU A 45 -1.44 -9.95 0.70
C GLU A 45 -2.36 -8.78 0.32
N ASP A 46 -2.04 -7.59 0.80
CA ASP A 46 -2.84 -6.41 0.47
C ASP A 46 -2.41 -5.90 -0.85
N ILE A 47 -1.19 -6.21 -1.22
CA ILE A 47 -0.64 -5.72 -2.45
C ILE A 47 -1.38 -6.34 -3.63
N TYR A 48 -1.62 -5.54 -4.63
CA TYR A 48 -2.32 -5.93 -5.85
C TYR A 48 -1.38 -6.72 -6.76
N ASN A 49 -0.16 -6.83 -6.33
CA ASN A 49 0.88 -7.49 -7.08
C ASN A 49 1.28 -8.74 -6.36
N VAL A 50 0.87 -9.84 -6.91
CA VAL A 50 1.08 -11.15 -6.33
C VAL A 50 1.68 -12.05 -7.40
N ARG A 51 2.32 -13.13 -7.02
CA ARG A 51 2.85 -14.07 -7.97
C ARG A 51 1.85 -15.19 -8.21
N GLY A 52 0.95 -14.97 -9.13
CA GLY A 52 -0.05 -15.93 -9.46
C GLY A 52 -1.04 -15.35 -10.45
N LYS A 53 -2.32 -15.53 -10.18
CA LYS A 53 -3.37 -14.99 -11.00
C LYS A 53 -4.63 -14.84 -10.17
N SER A 1 0.05 -12.37 6.59
CA SER A 1 1.28 -12.97 6.07
C SER A 1 2.50 -12.24 6.64
N MET A 2 2.60 -10.95 6.33
CA MET A 2 3.70 -10.09 6.73
C MET A 2 3.42 -8.68 6.30
N ASN A 3 3.39 -7.79 7.26
CA ASN A 3 3.18 -6.39 7.01
C ASN A 3 4.41 -5.73 6.45
N ARG A 4 4.17 -4.72 5.67
CA ARG A 4 5.16 -3.86 5.07
C ARG A 4 4.71 -2.44 5.36
N LEU A 5 5.62 -1.49 5.35
CA LEU A 5 5.28 -0.10 5.63
C LEU A 5 5.36 0.73 4.38
N GLY A 6 4.39 1.57 4.21
CA GLY A 6 4.40 2.50 3.14
C GLY A 6 3.51 3.65 3.44
N ILE A 7 3.78 4.74 2.81
CA ILE A 7 3.01 5.94 2.99
C ILE A 7 2.06 6.05 1.85
N ILE A 8 0.79 6.23 2.17
CA ILE A 8 -0.21 6.38 1.14
C ILE A 8 0.07 7.66 0.38
N TYR A 9 0.47 7.47 -0.83
CA TYR A 9 0.85 8.53 -1.70
C TYR A 9 -0.33 9.00 -2.51
N GLU A 10 -1.22 8.08 -2.84
CA GLU A 10 -2.33 8.39 -3.71
C GLU A 10 -3.41 7.31 -3.57
N ILE A 11 -4.66 7.71 -3.59
CA ILE A 11 -5.79 6.78 -3.51
C ILE A 11 -6.49 6.75 -4.87
N GLN A 12 -6.76 5.55 -5.35
CA GLN A 12 -7.43 5.37 -6.62
C GLN A 12 -8.48 4.31 -6.51
N GLY A 13 -9.68 4.73 -6.17
CA GLY A 13 -10.78 3.85 -6.04
C GLY A 13 -10.62 2.92 -4.87
N MET A 14 -10.33 1.69 -5.17
CA MET A 14 -10.13 0.70 -4.14
C MET A 14 -8.66 0.33 -4.08
N LYS A 15 -7.83 1.11 -4.74
CA LYS A 15 -6.41 0.89 -4.72
C LYS A 15 -5.74 2.04 -4.04
N ALA A 16 -4.59 1.79 -3.51
CA ALA A 16 -3.80 2.79 -2.88
C ALA A 16 -2.38 2.64 -3.33
N VAL A 17 -1.75 3.74 -3.55
CA VAL A 17 -0.35 3.76 -3.90
C VAL A 17 0.45 4.02 -2.66
N VAL A 18 1.30 3.12 -2.31
CA VAL A 18 2.14 3.28 -1.15
C VAL A 18 3.55 3.53 -1.55
N LEU A 19 4.10 4.56 -0.99
CA LEU A 19 5.49 4.82 -1.12
C LEU A 19 6.13 4.16 0.07
N THR A 20 6.71 3.02 -0.15
CA THR A 20 7.22 2.20 0.90
C THR A 20 8.47 2.79 1.54
N SER A 21 8.95 2.14 2.58
CA SER A 21 10.15 2.52 3.28
C SER A 21 11.40 2.32 2.41
N GLU A 22 11.19 1.68 1.26
CA GLU A 22 12.22 1.45 0.28
C GLU A 22 12.13 2.50 -0.82
N GLY A 23 11.16 3.40 -0.70
CA GLY A 23 10.99 4.45 -1.65
C GLY A 23 10.37 3.97 -2.94
N GLU A 24 9.70 2.84 -2.88
CA GLU A 24 9.06 2.26 -4.04
C GLU A 24 7.59 2.56 -3.98
N PHE A 25 6.97 2.72 -5.12
CA PHE A 25 5.55 2.95 -5.17
C PHE A 25 4.89 1.63 -5.50
N LEU A 26 4.16 1.12 -4.57
CA LEU A 26 3.48 -0.14 -4.74
C LEU A 26 1.99 0.11 -4.80
N ILE A 27 1.31 -0.69 -5.56
CA ILE A 27 -0.12 -0.59 -5.63
C ILE A 27 -0.70 -1.61 -4.69
N ILE A 28 -1.46 -1.18 -3.74
CA ILE A 28 -2.04 -2.08 -2.79
C ILE A 28 -3.54 -1.88 -2.73
N ARG A 29 -4.21 -2.82 -2.15
CA ARG A 29 -5.62 -2.74 -1.89
C ARG A 29 -5.88 -1.70 -0.81
N ARG A 30 -6.81 -0.85 -1.05
CA ARG A 30 -7.18 0.17 -0.10
C ARG A 30 -8.05 -0.41 0.98
N ARG A 31 -7.77 -0.01 2.18
CA ARG A 31 -8.50 -0.41 3.34
C ARG A 31 -9.28 0.81 3.84
N LYS A 32 -10.13 0.62 4.82
CA LYS A 32 -10.96 1.72 5.34
C LYS A 32 -10.14 2.82 6.00
N ASP A 33 -9.15 2.42 6.75
CA ASP A 33 -8.32 3.35 7.53
C ASP A 33 -7.13 3.80 6.71
N MET A 34 -7.22 3.59 5.42
CA MET A 34 -6.16 3.92 4.54
C MET A 34 -6.45 5.27 3.89
N LYS A 35 -5.71 6.28 4.32
CA LYS A 35 -5.88 7.63 3.88
C LYS A 35 -4.55 8.15 3.37
N VAL A 36 -4.58 9.13 2.50
CA VAL A 36 -3.37 9.67 1.88
C VAL A 36 -2.54 10.46 2.90
N GLY A 37 -1.26 10.17 2.96
CA GLY A 37 -0.39 10.90 3.84
C GLY A 37 0.14 10.07 4.98
N GLN A 38 -0.60 9.08 5.38
CA GLN A 38 -0.19 8.27 6.50
C GLN A 38 0.58 7.02 6.10
N GLN A 39 1.51 6.64 6.95
CA GLN A 39 2.27 5.43 6.76
C GLN A 39 1.47 4.30 7.38
N VAL A 40 1.08 3.38 6.57
CA VAL A 40 0.24 2.30 7.01
C VAL A 40 0.97 0.98 6.94
N SER A 41 0.54 0.06 7.74
CA SER A 41 1.05 -1.26 7.70
C SER A 41 0.09 -2.08 6.85
N PHE A 42 0.56 -2.56 5.76
CA PHE A 42 -0.25 -3.38 4.88
C PHE A 42 0.40 -4.69 4.77
N GLU A 43 -0.29 -5.63 4.29
CA GLU A 43 0.27 -6.95 4.18
C GLU A 43 0.78 -7.17 2.81
N ASN A 44 1.55 -8.22 2.66
CA ASN A 44 1.97 -8.66 1.35
C ASN A 44 0.77 -9.16 0.58
N GLU A 45 -0.26 -9.50 1.34
CA GLU A 45 -1.53 -9.97 0.82
C GLU A 45 -2.37 -8.78 0.30
N ASP A 46 -1.97 -7.55 0.63
CA ASP A 46 -2.70 -6.35 0.17
C ASP A 46 -2.13 -5.87 -1.12
N ILE A 47 -0.93 -6.30 -1.41
CA ILE A 47 -0.22 -5.79 -2.55
C ILE A 47 -0.80 -6.34 -3.85
N TYR A 48 -1.19 -5.42 -4.72
CA TYR A 48 -1.73 -5.75 -6.03
C TYR A 48 -0.62 -6.26 -6.90
N ASN A 49 0.59 -5.81 -6.60
CA ASN A 49 1.80 -6.30 -7.25
C ASN A 49 2.08 -7.67 -6.68
N VAL A 50 1.60 -8.69 -7.35
CA VAL A 50 1.70 -10.05 -6.88
C VAL A 50 3.13 -10.55 -6.94
N ARG A 51 3.75 -10.62 -5.79
CA ARG A 51 5.09 -11.13 -5.67
C ARG A 51 5.03 -12.50 -5.05
N GLY A 52 5.79 -13.41 -5.57
CA GLY A 52 5.81 -14.75 -5.05
C GLY A 52 6.12 -15.74 -6.13
N LYS A 53 5.95 -17.00 -5.83
CA LYS A 53 6.22 -18.04 -6.79
C LYS A 53 5.00 -18.31 -7.69
N SER A 1 0.91 -12.36 5.30
CA SER A 1 1.72 -12.71 6.44
C SER A 1 3.10 -12.00 6.37
N MET A 2 3.16 -10.89 5.64
CA MET A 2 4.38 -10.13 5.46
C MET A 2 4.01 -8.65 5.39
N ASN A 3 3.82 -8.05 6.53
CA ASN A 3 3.50 -6.63 6.62
C ASN A 3 4.63 -5.75 6.14
N ARG A 4 4.27 -4.78 5.34
CA ARG A 4 5.19 -3.82 4.79
C ARG A 4 4.70 -2.42 5.22
N LEU A 5 5.58 -1.45 5.25
CA LEU A 5 5.22 -0.10 5.67
C LEU A 5 5.31 0.84 4.50
N GLY A 6 4.28 1.63 4.30
CA GLY A 6 4.30 2.58 3.23
C GLY A 6 3.43 3.74 3.51
N ILE A 7 3.74 4.81 2.87
CA ILE A 7 3.02 6.05 3.03
C ILE A 7 2.08 6.21 1.89
N ILE A 8 0.85 6.52 2.18
CA ILE A 8 -0.13 6.72 1.15
C ILE A 8 0.23 7.92 0.32
N TYR A 9 0.65 7.65 -0.86
CA TYR A 9 1.06 8.63 -1.81
C TYR A 9 -0.15 9.13 -2.55
N GLU A 10 -1.04 8.20 -2.88
CA GLU A 10 -2.24 8.50 -3.63
C GLU A 10 -3.22 7.35 -3.48
N ILE A 11 -4.48 7.59 -3.77
CA ILE A 11 -5.51 6.59 -3.69
C ILE A 11 -6.15 6.43 -5.06
N GLN A 12 -6.51 5.23 -5.41
CA GLN A 12 -7.21 4.95 -6.64
C GLN A 12 -8.45 4.15 -6.30
N GLY A 13 -9.45 4.82 -5.76
CA GLY A 13 -10.67 4.15 -5.38
C GLY A 13 -10.44 3.12 -4.29
N MET A 14 -10.40 1.87 -4.70
CA MET A 14 -10.20 0.77 -3.77
C MET A 14 -8.75 0.32 -3.78
N LYS A 15 -7.93 1.03 -4.50
CA LYS A 15 -6.51 0.75 -4.55
C LYS A 15 -5.77 1.92 -3.92
N ALA A 16 -4.60 1.68 -3.45
CA ALA A 16 -3.80 2.72 -2.84
C ALA A 16 -2.38 2.62 -3.31
N VAL A 17 -1.75 3.75 -3.49
CA VAL A 17 -0.35 3.82 -3.86
C VAL A 17 0.44 4.09 -2.61
N VAL A 18 1.21 3.15 -2.20
CA VAL A 18 2.00 3.30 -1.03
C VAL A 18 3.46 3.44 -1.37
N LEU A 19 4.03 4.51 -0.91
CA LEU A 19 5.43 4.74 -1.04
C LEU A 19 6.05 4.13 0.19
N THR A 20 6.64 2.99 0.02
CA THR A 20 7.20 2.26 1.12
C THR A 20 8.36 3.01 1.75
N SER A 21 8.72 2.62 2.95
CA SER A 21 9.82 3.20 3.68
C SER A 21 11.16 2.88 2.98
N GLU A 22 11.09 1.99 2.02
CA GLU A 22 12.22 1.55 1.27
C GLU A 22 12.30 2.25 -0.10
N GLY A 23 11.34 3.14 -0.36
CA GLY A 23 11.37 3.95 -1.57
C GLY A 23 10.70 3.32 -2.78
N GLU A 24 9.87 2.34 -2.56
CA GLU A 24 9.16 1.68 -3.66
C GLU A 24 7.69 2.08 -3.66
N PHE A 25 7.11 2.30 -4.82
CA PHE A 25 5.69 2.62 -4.92
C PHE A 25 4.93 1.34 -5.22
N LEU A 26 4.14 0.92 -4.30
CA LEU A 26 3.38 -0.31 -4.45
C LEU A 26 1.91 0.03 -4.57
N ILE A 27 1.18 -0.80 -5.31
CA ILE A 27 -0.24 -0.64 -5.47
C ILE A 27 -0.90 -1.69 -4.61
N ILE A 28 -1.61 -1.26 -3.62
CA ILE A 28 -2.23 -2.18 -2.69
C ILE A 28 -3.72 -1.95 -2.60
N ARG A 29 -4.37 -2.87 -1.93
CA ARG A 29 -5.79 -2.75 -1.62
C ARG A 29 -5.94 -1.66 -0.60
N ARG A 30 -6.81 -0.74 -0.85
CA ARG A 30 -7.03 0.31 0.09
C ARG A 30 -7.99 -0.15 1.16
N ARG A 31 -7.53 -0.12 2.39
CA ARG A 31 -8.36 -0.46 3.51
C ARG A 31 -8.99 0.85 4.00
N LYS A 32 -9.89 0.76 4.95
CA LYS A 32 -10.62 1.93 5.47
C LYS A 32 -9.72 2.81 6.35
N ASP A 33 -8.54 2.31 6.64
CA ASP A 33 -7.56 3.00 7.48
C ASP A 33 -6.84 4.06 6.69
N MET A 34 -6.47 3.68 5.47
CA MET A 34 -5.65 4.46 4.55
C MET A 34 -6.13 5.89 4.32
N LYS A 35 -5.34 6.83 4.79
CA LYS A 35 -5.53 8.23 4.59
C LYS A 35 -4.32 8.74 3.84
N VAL A 36 -4.52 9.64 2.91
CA VAL A 36 -3.42 10.15 2.09
C VAL A 36 -2.41 10.93 2.94
N GLY A 37 -1.17 10.48 2.91
CA GLY A 37 -0.13 11.15 3.64
C GLY A 37 0.38 10.36 4.82
N GLN A 38 -0.41 9.46 5.33
CA GLN A 38 0.01 8.72 6.50
C GLN A 38 0.69 7.41 6.12
N GLN A 39 1.54 6.93 6.99
CA GLN A 39 2.19 5.66 6.83
C GLN A 39 1.28 4.59 7.36
N VAL A 40 1.05 3.60 6.57
CA VAL A 40 0.17 2.53 6.94
C VAL A 40 0.93 1.23 6.93
N SER A 41 0.44 0.28 7.66
CA SER A 41 1.00 -1.02 7.66
C SER A 41 0.08 -1.89 6.85
N PHE A 42 0.58 -2.39 5.76
CA PHE A 42 -0.21 -3.20 4.89
C PHE A 42 0.44 -4.53 4.77
N GLU A 43 -0.15 -5.41 4.03
CA GLU A 43 0.37 -6.73 3.88
C GLU A 43 0.76 -7.00 2.47
N ASN A 44 1.43 -8.10 2.29
CA ASN A 44 1.86 -8.55 0.98
C ASN A 44 0.70 -9.18 0.27
N GLU A 45 -0.25 -9.61 1.06
CA GLU A 45 -1.47 -10.18 0.57
C GLU A 45 -2.45 -9.07 0.19
N ASP A 46 -2.06 -7.82 0.44
CA ASP A 46 -2.88 -6.67 0.07
C ASP A 46 -2.33 -6.03 -1.18
N ILE A 47 -1.16 -6.45 -1.59
CA ILE A 47 -0.51 -5.87 -2.74
C ILE A 47 -1.19 -6.37 -4.02
N TYR A 48 -1.60 -5.42 -4.84
CA TYR A 48 -2.28 -5.71 -6.09
C TYR A 48 -1.29 -6.05 -7.17
N ASN A 49 -0.05 -5.68 -6.95
CA ASN A 49 1.02 -6.10 -7.83
C ASN A 49 1.15 -7.59 -7.63
N VAL A 50 1.15 -8.34 -8.71
CA VAL A 50 1.12 -9.79 -8.61
C VAL A 50 2.42 -10.39 -8.06
N ARG A 51 2.43 -10.52 -6.76
CA ARG A 51 3.45 -11.17 -6.00
C ARG A 51 2.82 -11.50 -4.67
N GLY A 52 2.89 -12.73 -4.29
CA GLY A 52 2.26 -13.17 -3.09
C GLY A 52 1.04 -14.00 -3.43
N LYS A 53 1.26 -15.05 -4.18
CA LYS A 53 0.18 -15.90 -4.61
C LYS A 53 0.16 -17.18 -3.81
#